data_6Z0O
#
_entry.id   6Z0O
#
_cell.length_a   90.33
_cell.length_b   73.98
_cell.length_c   95.764
_cell.angle_alpha   90.0
_cell.angle_beta   100.923
_cell.angle_gamma   90.0
#
_symmetry.space_group_name_H-M   'P 1 21 1'
#
loop_
_entity.id
_entity.type
_entity.pdbx_description
1 polymer Nucleocapsid
2 polymer Affimer-NP
3 water water
#
loop_
_entity_poly.entity_id
_entity_poly.type
_entity_poly.pdbx_seq_one_letter_code
_entity_poly.pdbx_strand_id
1 'polypeptide(L)'
;MENKIEVNSKDEMNKWFEEFKKGNGLVDTYTNSYSFCESVPNLDRFVFQMAGATDDAQKDSIYASALVEATKFCAPIYEC
AWASSTGIVKKGLEWFEKNTGTIKSWDESYIELKVEVPKIEQLFNYQQAALKWRKDIGFRVNANTAALSNKVLAEYKVPG
EIVMSVKEMLSDMIRRRNLILNRGGDENPRGPVSHEHVEWCREFVKGKYIMAFNPPWGDINKSGRSGIALVATGLAKLAE
TEGKGVFDEAKKTVEALNGYLDKHKDEVDKASADNMVTNLLKHVAKAQELYKNSSALRAQGAQIDTVFSSYYWLYKAGVT
PETFPTVSQFLFELGKHPRGTKKMKKALLSTPMKWGKKLYELFADDSFQQNRIYMHPAVLTAGRISEMGVCFGTIPVANP
DDAALGSGHTKSILNLRTNTETNNPCARTIVKLFEIQKTGFNIQDMDIVASEHLLHQSLVGKQSPFQNAYNVKGNATSAN
II
;
A,B
2 'polypeptide(L)'
;ENSLEIEELARFAVDEHNKKENALLEFVRVVKAKEQMHMKERQINTMYYLTLEAKDGGKKKLYEAKVWVKKYLGDFWKDN
FKELQEFKPV
;
E,F
#
# COMPACT_ATOMS: atom_id res chain seq x y z
N MET A 1 -27.57 18.26 -16.12
CA MET A 1 -28.30 17.17 -16.84
C MET A 1 -27.68 15.81 -16.52
N GLU A 2 -26.98 15.21 -17.48
CA GLU A 2 -26.43 13.85 -17.28
C GLU A 2 -24.96 13.77 -17.66
N ASN A 3 -24.22 12.91 -16.94
CA ASN A 3 -22.78 12.75 -17.13
C ASN A 3 -22.47 12.09 -18.47
N LYS A 4 -21.90 12.86 -19.40
CA LYS A 4 -21.60 12.34 -20.73
C LYS A 4 -20.23 11.68 -20.79
N ILE A 5 -19.67 11.33 -19.64
CA ILE A 5 -18.40 10.62 -19.59
C ILE A 5 -18.55 9.24 -18.94
N GLU A 6 -19.15 8.31 -19.68
CA GLU A 6 -19.29 6.93 -19.21
C GLU A 6 -17.99 6.17 -19.35
N VAL A 7 -17.27 6.05 -18.23
CA VAL A 7 -16.01 5.31 -18.22
C VAL A 7 -15.86 4.60 -16.89
N ASN A 8 -15.37 3.36 -16.94
CA ASN A 8 -15.12 2.57 -15.75
C ASN A 8 -13.78 1.85 -15.77
N SER A 9 -13.12 1.84 -16.94
CA SER A 9 -11.83 1.18 -17.11
C SER A 9 -10.90 2.04 -17.96
N LYS A 10 -9.60 1.86 -17.78
CA LYS A 10 -8.61 2.64 -18.52
C LYS A 10 -8.76 2.52 -20.04
N ASP A 11 -9.12 1.33 -20.51
CA ASP A 11 -9.30 1.11 -21.94
C ASP A 11 -10.44 1.98 -22.45
N GLU A 12 -11.58 1.90 -21.77
CA GLU A 12 -12.75 2.71 -22.11
C GLU A 12 -12.37 4.19 -22.07
N MET A 13 -11.69 4.59 -21.00
CA MET A 13 -11.19 5.95 -20.87
C MET A 13 -10.43 6.34 -22.14
N ASN A 14 -9.39 5.57 -22.44
CA ASN A 14 -8.53 5.85 -23.58
C ASN A 14 -9.31 5.95 -24.88
N LYS A 15 -10.29 5.05 -25.07
CA LYS A 15 -11.17 5.15 -26.23
C LYS A 15 -11.91 6.48 -26.24
N TRP A 16 -12.56 6.79 -25.12
CA TRP A 16 -13.28 8.06 -24.97
C TRP A 16 -12.39 9.26 -25.27
N PHE A 17 -11.17 9.24 -24.74
CA PHE A 17 -10.23 10.34 -24.92
C PHE A 17 -9.79 10.46 -26.37
N GLU A 18 -9.43 9.33 -26.97
CA GLU A 18 -9.05 9.32 -28.37
C GLU A 18 -10.20 9.83 -29.24
N GLU A 19 -11.42 9.50 -28.84
CA GLU A 19 -12.61 9.99 -29.53
C GLU A 19 -12.75 11.50 -29.32
N PHE A 20 -12.57 11.94 -28.08
CA PHE A 20 -12.69 13.35 -27.73
C PHE A 20 -11.64 14.20 -28.43
N LYS A 21 -10.43 13.66 -28.56
CA LYS A 21 -9.30 14.41 -29.08
C LYS A 21 -9.47 14.84 -30.53
N LYS A 22 -9.93 13.91 -31.36
CA LYS A 22 -10.05 14.18 -32.79
C LYS A 22 -11.14 15.19 -33.09
N GLY A 23 -12.23 15.15 -32.33
CA GLY A 23 -13.35 16.05 -32.56
C GLY A 23 -13.09 17.46 -32.04
N ASN A 24 -12.14 17.58 -31.12
CA ASN A 24 -11.83 18.86 -30.48
C ASN A 24 -10.48 19.44 -30.90
N GLY A 25 -9.51 18.55 -31.15
CA GLY A 25 -8.22 18.96 -31.67
C GLY A 25 -7.24 19.37 -30.58
N LEU A 26 -7.12 18.53 -29.55
CA LEU A 26 -6.21 18.78 -28.45
C LEU A 26 -4.76 18.80 -28.91
N VAL A 27 -3.89 19.42 -28.10
CA VAL A 27 -2.46 19.46 -28.35
C VAL A 27 -1.69 19.35 -27.03
N ASP A 28 -0.43 18.96 -27.11
CA ASP A 28 0.43 18.90 -25.93
C ASP A 28 1.76 19.61 -26.19
N THR A 29 1.74 20.54 -27.13
CA THR A 29 2.92 21.31 -27.49
C THR A 29 3.53 21.99 -26.26
N TYR A 30 2.68 22.53 -25.39
CA TYR A 30 3.13 23.27 -24.22
C TYR A 30 2.83 22.56 -22.89
N THR A 31 2.16 21.41 -22.94
CA THR A 31 1.67 20.76 -21.74
C THR A 31 2.04 19.28 -21.66
N ASN A 32 2.22 18.80 -20.44
CA ASN A 32 2.59 17.41 -20.18
C ASN A 32 1.50 16.43 -20.60
N SER A 33 0.26 16.89 -20.53
CA SER A 33 -0.88 16.12 -21.00
C SER A 33 -1.64 16.94 -22.03
N TYR A 34 -2.38 16.25 -22.91
CA TYR A 34 -3.08 16.92 -23.99
C TYR A 34 -4.06 17.97 -23.47
N SER A 35 -4.12 19.11 -24.17
CA SER A 35 -4.92 20.24 -23.73
C SER A 35 -5.24 21.17 -24.90
N PHE A 36 -5.94 22.26 -24.60
CA PHE A 36 -6.30 23.27 -25.59
C PHE A 36 -5.25 24.39 -25.69
N CYS A 37 -4.23 24.33 -24.84
CA CYS A 37 -3.21 25.37 -24.81
C CYS A 37 -2.33 25.32 -26.05
N GLU A 38 -2.55 26.28 -26.95
CA GLU A 38 -1.80 26.36 -28.20
C GLU A 38 -0.82 27.54 -28.18
N SER A 39 -0.86 28.32 -27.10
CA SER A 39 0.02 29.46 -26.94
C SER A 39 0.23 29.77 -25.47
N VAL A 40 1.48 30.00 -25.09
CA VAL A 40 1.78 30.36 -23.71
C VAL A 40 1.05 31.66 -23.39
N PRO A 41 0.23 31.69 -22.33
CA PRO A 41 -0.53 32.90 -22.06
C PRO A 41 0.39 34.10 -21.81
N ASN A 42 0.11 35.20 -22.48
CA ASN A 42 0.89 36.42 -22.28
C ASN A 42 0.18 37.33 -21.28
N LEU A 43 0.76 37.42 -20.08
CA LEU A 43 0.14 38.12 -18.98
C LEU A 43 0.77 39.49 -18.76
N ASP A 44 1.46 39.99 -19.78
CA ASP A 44 2.17 41.26 -19.70
C ASP A 44 1.24 42.38 -19.26
N ARG A 45 0.12 42.51 -19.98
CA ARG A 45 -0.79 43.63 -19.77
C ARG A 45 -1.30 43.74 -18.33
N PHE A 46 -1.47 42.59 -17.68
CA PHE A 46 -1.99 42.58 -16.32
C PHE A 46 -1.04 43.28 -15.36
N VAL A 47 0.24 43.26 -15.70
CA VAL A 47 1.25 43.95 -14.90
C VAL A 47 1.03 45.45 -14.97
N PHE A 48 1.06 45.98 -16.19
CA PHE A 48 0.86 47.41 -16.41
C PHE A 48 -0.49 47.85 -15.86
N GLN A 49 -1.48 46.96 -15.97
CA GLN A 49 -2.79 47.19 -15.37
C GLN A 49 -2.67 47.28 -13.86
N MET A 50 -1.93 46.34 -13.27
CA MET A 50 -1.77 46.30 -11.81
C MET A 50 -1.03 47.54 -11.35
N ALA A 51 -0.08 47.99 -12.14
CA ALA A 51 0.66 49.22 -11.86
C ALA A 51 -0.29 50.41 -11.92
N GLY A 52 -1.07 50.47 -13.01
CA GLY A 52 -2.00 51.55 -13.22
C GLY A 52 -3.19 51.51 -12.28
N ALA A 53 -3.48 50.32 -11.75
CA ALA A 53 -4.59 50.16 -10.82
C ALA A 53 -4.34 50.96 -9.54
N THR A 54 -5.44 51.37 -8.90
CA THR A 54 -5.35 52.16 -7.67
C THR A 54 -6.06 51.44 -6.51
N ASP A 55 -7.37 51.26 -6.65
CA ASP A 55 -8.15 50.56 -5.63
C ASP A 55 -7.83 49.07 -5.62
N ASP A 56 -8.12 48.41 -4.50
CA ASP A 56 -7.74 47.01 -4.30
C ASP A 56 -8.58 46.04 -5.13
N ALA A 57 -9.88 46.33 -5.21
CA ALA A 57 -10.81 45.49 -5.96
C ALA A 57 -10.33 45.27 -7.39
N GLN A 58 -9.90 46.34 -8.04
CA GLN A 58 -9.41 46.25 -9.41
C GLN A 58 -8.14 45.41 -9.48
N LYS A 59 -7.30 45.52 -8.46
CA LYS A 59 -6.07 44.73 -8.41
C LYS A 59 -6.40 43.24 -8.28
N ASP A 60 -7.29 42.91 -7.35
CA ASP A 60 -7.75 41.53 -7.20
C ASP A 60 -8.37 41.03 -8.51
N SER A 61 -9.24 41.85 -9.10
CA SER A 61 -9.82 41.54 -10.40
C SER A 61 -8.76 41.20 -11.43
N ILE A 62 -7.78 42.09 -11.57
CA ILE A 62 -6.69 41.91 -12.51
C ILE A 62 -5.98 40.58 -12.25
N TYR A 63 -5.62 40.35 -10.99
CA TYR A 63 -4.95 39.10 -10.63
C TYR A 63 -5.79 37.88 -11.04
N ALA A 64 -7.03 37.84 -10.56
CA ALA A 64 -7.95 36.77 -10.92
C ALA A 64 -7.99 36.53 -12.43
N SER A 65 -8.19 37.61 -13.18
CA SER A 65 -8.26 37.52 -14.64
C SER A 65 -6.97 36.92 -15.19
N ALA A 66 -5.83 37.45 -14.74
CA ALA A 66 -4.53 36.93 -15.14
C ALA A 66 -4.47 35.43 -14.92
N LEU A 67 -4.76 35.02 -13.69
CA LEU A 67 -4.71 33.61 -13.31
C LEU A 67 -5.60 32.77 -14.20
N VAL A 68 -6.83 33.24 -14.44
CA VAL A 68 -7.73 32.55 -15.35
C VAL A 68 -7.08 32.39 -16.72
N GLU A 69 -6.65 33.49 -17.33
CA GLU A 69 -6.04 33.43 -18.66
C GLU A 69 -4.86 32.44 -18.65
N ALA A 70 -4.09 32.45 -17.57
CA ALA A 70 -3.00 31.50 -17.43
C ALA A 70 -3.54 30.07 -17.49
N THR A 71 -4.50 29.75 -16.63
CA THR A 71 -5.02 28.39 -16.52
C THR A 71 -6.15 28.06 -17.48
N LYS A 72 -6.55 29.03 -18.31
CA LYS A 72 -7.79 28.90 -19.08
C LYS A 72 -7.82 27.67 -19.99
N PHE A 73 -6.75 27.47 -20.76
CA PHE A 73 -6.74 26.47 -21.83
C PHE A 73 -5.78 25.30 -21.60
N CYS A 74 -5.05 25.32 -20.49
CA CYS A 74 -3.99 24.34 -20.25
C CYS A 74 -4.35 23.31 -19.18
N ALA A 75 -5.54 22.72 -19.30
CA ALA A 75 -5.96 21.68 -18.36
C ALA A 75 -5.64 20.30 -18.93
N PRO A 76 -5.17 19.38 -18.07
CA PRO A 76 -4.89 18.01 -18.54
C PRO A 76 -6.17 17.21 -18.77
N ILE A 77 -6.62 17.18 -20.02
CA ILE A 77 -7.95 16.67 -20.35
C ILE A 77 -8.15 15.20 -19.97
N TYR A 78 -7.16 14.36 -20.29
CA TYR A 78 -7.27 12.94 -19.98
C TYR A 78 -7.55 12.69 -18.50
N GLU A 79 -6.65 13.18 -17.66
CA GLU A 79 -6.75 12.97 -16.22
C GLU A 79 -8.00 13.65 -15.66
N CYS A 80 -8.25 14.89 -16.07
CA CYS A 80 -9.44 15.63 -15.64
C CYS A 80 -10.71 14.87 -15.96
N ALA A 81 -10.76 14.33 -17.18
CA ALA A 81 -11.89 13.51 -17.61
C ALA A 81 -12.01 12.28 -16.74
N TRP A 82 -10.89 11.56 -16.58
CA TRP A 82 -10.86 10.38 -15.72
C TRP A 82 -11.33 10.70 -14.31
N ALA A 83 -10.97 11.88 -13.82
CA ALA A 83 -11.30 12.29 -12.45
C ALA A 83 -12.80 12.49 -12.26
N SER A 84 -13.49 12.88 -13.33
CA SER A 84 -14.94 13.11 -13.28
C SER A 84 -15.69 12.04 -14.06
N SER A 85 -15.00 10.95 -14.37
CA SER A 85 -15.62 9.82 -15.07
C SER A 85 -16.61 9.13 -14.14
N THR A 86 -17.76 8.76 -14.69
CA THR A 86 -18.84 8.11 -13.93
C THR A 86 -18.34 7.06 -12.95
N GLY A 87 -17.46 6.18 -13.42
CA GLY A 87 -16.86 5.16 -12.59
C GLY A 87 -16.18 5.73 -11.36
N ILE A 88 -15.16 6.55 -11.57
CA ILE A 88 -14.40 7.14 -10.47
C ILE A 88 -15.27 8.02 -9.58
N VAL A 89 -16.27 8.66 -10.16
CA VAL A 89 -17.24 9.43 -9.38
C VAL A 89 -17.96 8.48 -8.43
N LYS A 90 -18.55 7.44 -9.01
CA LYS A 90 -19.28 6.43 -8.26
C LYS A 90 -18.45 5.85 -7.13
N LYS A 91 -17.30 5.28 -7.49
CA LYS A 91 -16.41 4.64 -6.51
C LYS A 91 -15.89 5.65 -5.49
N GLY A 92 -15.52 6.82 -5.97
CA GLY A 92 -14.95 7.86 -5.11
C GLY A 92 -15.94 8.38 -4.09
N LEU A 93 -17.18 8.57 -4.50
CA LEU A 93 -18.23 9.02 -3.59
C LEU A 93 -18.67 7.89 -2.66
N GLU A 94 -18.79 6.68 -3.22
CA GLU A 94 -19.11 5.50 -2.44
C GLU A 94 -18.13 5.32 -1.29
N TRP A 95 -16.84 5.34 -1.62
CA TRP A 95 -15.77 5.07 -0.67
C TRP A 95 -15.93 5.75 0.70
N PHE A 96 -16.53 6.94 0.72
CA PHE A 96 -16.62 7.70 1.96
C PHE A 96 -17.63 7.12 2.96
N GLU A 97 -18.74 6.60 2.45
CA GLU A 97 -19.72 5.93 3.30
C GLU A 97 -19.14 4.63 3.86
N LYS A 98 -18.43 3.90 3.00
CA LYS A 98 -17.89 2.60 3.37
C LYS A 98 -16.71 2.73 4.33
N ASN A 99 -16.28 3.97 4.59
CA ASN A 99 -15.10 4.20 5.42
C ASN A 99 -15.23 5.43 6.33
N THR A 100 -16.46 5.75 6.72
CA THR A 100 -16.71 6.91 7.57
C THR A 100 -15.98 6.79 8.91
N GLY A 101 -15.85 5.55 9.39
CA GLY A 101 -15.22 5.30 10.68
C GLY A 101 -13.76 5.67 10.71
N THR A 102 -13.02 5.22 9.70
CA THR A 102 -11.57 5.39 9.65
C THR A 102 -11.13 6.85 9.63
N ILE A 103 -12.02 7.73 9.19
CA ILE A 103 -11.68 9.14 9.00
C ILE A 103 -12.31 10.06 10.05
N LYS A 104 -12.97 9.47 11.05
CA LYS A 104 -13.64 10.23 12.09
C LYS A 104 -12.71 11.26 12.76
N SER A 105 -11.43 10.93 12.79
CA SER A 105 -10.42 11.77 13.45
C SER A 105 -10.52 13.23 13.03
N TRP A 106 -10.73 13.48 11.75
CA TRP A 106 -10.86 14.84 11.22
C TRP A 106 -12.26 15.12 10.70
N ASP A 107 -12.92 14.07 10.23
CA ASP A 107 -14.27 14.19 9.68
C ASP A 107 -15.24 14.79 10.69
N GLU A 108 -15.38 14.15 11.84
CA GLU A 108 -16.34 14.59 12.84
C GLU A 108 -15.85 15.81 13.61
N SER A 109 -14.56 16.11 13.49
CA SER A 109 -13.98 17.30 14.12
C SER A 109 -13.94 18.48 13.15
N TYR A 110 -14.74 18.42 12.10
CA TYR A 110 -14.70 19.43 11.04
C TYR A 110 -14.95 20.84 11.58
N ILE A 111 -16.11 21.00 12.23
CA ILE A 111 -16.56 22.31 12.68
C ILE A 111 -15.53 22.92 13.62
N GLU A 112 -14.79 22.06 14.32
CA GLU A 112 -13.73 22.50 15.19
C GLU A 112 -12.51 22.91 14.38
N LEU A 113 -12.23 22.16 13.32
CA LEU A 113 -11.07 22.41 12.48
C LEU A 113 -11.23 23.68 11.65
N LYS A 114 -12.47 24.16 11.51
CA LYS A 114 -12.73 25.41 10.83
C LYS A 114 -12.01 26.55 11.55
N VAL A 115 -11.92 26.42 12.86
CA VAL A 115 -11.34 27.46 13.71
C VAL A 115 -9.99 27.04 14.26
N GLU A 116 -9.89 25.77 14.67
CA GLU A 116 -8.71 25.29 15.39
C GLU A 116 -7.64 24.71 14.47
N VAL A 117 -6.43 24.63 15.00
CA VAL A 117 -5.31 24.01 14.31
C VAL A 117 -5.42 22.49 14.46
N PRO A 118 -5.25 21.75 13.35
CA PRO A 118 -5.33 20.29 13.46
C PRO A 118 -4.18 19.70 14.27
N LYS A 119 -4.39 18.52 14.82
CA LYS A 119 -3.35 17.79 15.52
C LYS A 119 -2.70 16.82 14.54
N ILE A 120 -1.44 16.49 14.79
CA ILE A 120 -0.63 15.73 13.84
C ILE A 120 -1.31 14.42 13.39
N GLU A 121 -1.95 13.74 14.32
CA GLU A 121 -2.55 12.44 14.02
C GLU A 121 -3.72 12.59 13.04
N GLN A 122 -4.35 13.76 13.06
CA GLN A 122 -5.43 14.04 12.12
C GLN A 122 -4.87 14.17 10.71
N LEU A 123 -3.74 14.88 10.60
CA LEU A 123 -3.04 15.01 9.34
C LEU A 123 -2.61 13.64 8.83
N PHE A 124 -1.96 12.87 9.69
CA PHE A 124 -1.54 11.50 9.35
C PHE A 124 -2.72 10.68 8.85
N ASN A 125 -3.79 10.64 9.65
CA ASN A 125 -5.00 9.91 9.29
C ASN A 125 -5.48 10.37 7.92
N TYR A 126 -5.54 11.68 7.73
CA TYR A 126 -5.93 12.23 6.43
C TYR A 126 -5.08 11.72 5.27
N GLN A 127 -3.77 11.88 5.36
CA GLN A 127 -2.87 11.45 4.28
C GLN A 127 -3.02 9.96 3.99
N GLN A 128 -2.99 9.15 5.04
CA GLN A 128 -3.14 7.71 4.88
C GLN A 128 -4.48 7.42 4.21
N ALA A 129 -5.53 8.05 4.74
CA ALA A 129 -6.88 7.92 4.18
C ALA A 129 -6.91 8.28 2.71
N ALA A 130 -6.18 9.33 2.34
CA ALA A 130 -6.08 9.74 0.94
C ALA A 130 -5.43 8.63 0.11
N LEU A 131 -4.29 8.14 0.57
CA LEU A 131 -3.60 7.08 -0.15
C LEU A 131 -4.47 5.83 -0.29
N LYS A 132 -5.21 5.51 0.77
CA LYS A 132 -6.15 4.39 0.71
C LYS A 132 -7.23 4.67 -0.31
N TRP A 133 -7.84 5.86 -0.24
CA TRP A 133 -8.85 6.29 -1.19
C TRP A 133 -8.35 6.07 -2.62
N ARG A 134 -7.13 6.54 -2.88
CA ARG A 134 -6.51 6.34 -4.19
C ARG A 134 -6.39 4.86 -4.54
N LYS A 135 -5.87 4.06 -3.61
CA LYS A 135 -5.70 2.63 -3.85
C LYS A 135 -7.01 1.89 -4.12
N ASP A 136 -8.02 2.13 -3.28
CA ASP A 136 -9.24 1.32 -3.25
C ASP A 136 -10.10 1.44 -4.51
N ILE A 137 -10.07 2.58 -5.18
CA ILE A 137 -10.91 2.80 -6.35
C ILE A 137 -10.11 2.73 -7.67
N GLY A 138 -8.89 2.23 -7.58
CA GLY A 138 -8.03 2.10 -8.74
C GLY A 138 -7.91 3.39 -9.53
N PHE A 139 -7.46 4.45 -8.85
CA PHE A 139 -7.39 5.78 -9.44
C PHE A 139 -6.23 5.88 -10.44
N ARG A 140 -5.13 5.20 -10.13
CA ARG A 140 -3.93 5.26 -10.96
CA ARG A 140 -3.93 5.25 -10.96
C ARG A 140 -4.18 4.68 -12.35
N VAL A 141 -4.01 5.53 -13.36
CA VAL A 141 -4.12 5.11 -14.76
C VAL A 141 -2.80 5.36 -15.48
N ASN A 142 -2.06 6.34 -14.98
CA ASN A 142 -0.75 6.69 -15.54
C ASN A 142 0.10 7.40 -14.50
N ALA A 143 1.22 7.98 -14.95
CA ALA A 143 2.11 8.70 -14.05
C ALA A 143 1.43 9.95 -13.50
N ASN A 144 0.69 10.66 -14.36
CA ASN A 144 0.02 11.89 -13.97
C ASN A 144 -1.09 11.68 -12.93
N THR A 145 -1.40 10.42 -12.64
CA THR A 145 -2.39 10.09 -11.62
C THR A 145 -1.77 9.16 -10.57
N ALA A 146 -0.44 9.14 -10.50
CA ALA A 146 0.26 8.28 -9.56
C ALA A 146 0.48 8.99 -8.23
N ALA A 147 0.98 8.25 -7.25
CA ALA A 147 1.37 8.83 -5.97
C ALA A 147 2.89 8.83 -5.86
N LEU A 148 3.48 10.02 -5.80
CA LEU A 148 4.92 10.14 -5.83
C LEU A 148 5.56 9.80 -4.49
N SER A 149 6.49 8.84 -4.54
CA SER A 149 7.30 8.47 -3.38
C SER A 149 8.76 8.77 -3.68
N ASN A 150 8.98 9.51 -4.77
CA ASN A 150 10.32 9.70 -5.30
C ASN A 150 11.15 10.78 -4.59
N LYS A 151 11.75 11.67 -5.36
CA LYS A 151 12.73 12.63 -4.82
C LYS A 151 12.57 14.05 -5.36
N VAL A 152 12.83 15.03 -4.50
CA VAL A 152 12.79 16.44 -4.87
C VAL A 152 13.95 16.78 -5.81
N LEU A 153 13.73 17.71 -6.74
CA LEU A 153 14.78 18.11 -7.67
C LEU A 153 15.83 18.96 -6.96
N ALA A 154 17.11 18.72 -7.27
CA ALA A 154 18.20 19.51 -6.73
C ALA A 154 18.62 20.59 -7.73
N GLU A 155 18.30 20.33 -8.99
CA GLU A 155 18.58 21.26 -10.09
C GLU A 155 17.30 21.57 -10.84
N TYR A 156 16.97 22.85 -10.93
CA TYR A 156 15.73 23.28 -11.58
C TYR A 156 16.09 24.14 -12.78
N LYS A 157 15.80 23.61 -13.95
CA LYS A 157 16.19 24.21 -15.22
C LYS A 157 15.19 25.30 -15.60
N VAL A 158 15.67 26.54 -15.70
CA VAL A 158 14.84 27.65 -16.18
C VAL A 158 15.58 28.53 -17.19
N PRO A 159 14.83 29.21 -18.07
CA PRO A 159 15.44 30.19 -18.98
C PRO A 159 16.22 31.25 -18.22
N GLY A 160 17.31 31.74 -18.79
CA GLY A 160 18.12 32.77 -18.17
C GLY A 160 17.31 33.99 -17.77
N GLU A 161 16.47 34.43 -18.72
CA GLU A 161 15.73 35.70 -18.62
C GLU A 161 14.98 35.91 -17.31
N ILE A 162 14.72 34.83 -16.58
CA ILE A 162 13.95 34.92 -15.35
C ILE A 162 14.65 34.32 -14.12
N VAL A 163 15.87 33.82 -14.30
CA VAL A 163 16.56 33.10 -13.22
C VAL A 163 16.51 33.91 -11.93
N MET A 164 17.10 35.10 -11.97
CA MET A 164 17.13 35.98 -10.81
C MET A 164 15.72 36.19 -10.24
N SER A 165 14.70 36.13 -11.08
CA SER A 165 13.33 36.33 -10.60
C SER A 165 12.88 35.10 -9.83
N VAL A 166 13.39 33.94 -10.22
CA VAL A 166 13.06 32.70 -9.54
C VAL A 166 13.84 32.63 -8.24
N LYS A 167 15.15 32.84 -8.34
CA LYS A 167 16.01 32.85 -7.17
C LYS A 167 15.47 33.83 -6.15
N GLU A 168 14.92 34.94 -6.62
CA GLU A 168 14.25 35.89 -5.75
C GLU A 168 13.09 35.23 -5.02
N MET A 169 12.32 34.40 -5.72
CA MET A 169 11.15 33.77 -5.12
C MET A 169 11.61 32.84 -3.99
N LEU A 170 12.51 31.92 -4.34
CA LEU A 170 13.07 31.00 -3.36
C LEU A 170 13.58 31.74 -2.13
N SER A 171 14.34 32.81 -2.35
CA SER A 171 14.85 33.64 -1.27
C SER A 171 13.71 34.06 -0.33
N ASP A 172 12.52 34.23 -0.90
CA ASP A 172 11.36 34.60 -0.10
C ASP A 172 10.71 33.35 0.48
N MET A 173 10.94 32.21 -0.15
CA MET A 173 10.38 30.96 0.34
C MET A 173 11.23 30.50 1.52
N ILE A 174 12.54 30.43 1.28
CA ILE A 174 13.53 30.13 2.30
C ILE A 174 13.26 30.96 3.56
N ARG A 175 13.08 32.27 3.34
CA ARG A 175 12.79 33.18 4.44
C ARG A 175 11.58 32.70 5.23
N ARG A 176 10.58 32.17 4.54
CA ARG A 176 9.33 31.81 5.21
C ARG A 176 9.52 30.53 6.00
N ARG A 177 10.12 29.54 5.35
CA ARG A 177 10.38 28.25 5.98
C ARG A 177 11.19 28.43 7.25
N ASN A 178 12.02 29.47 7.29
CA ASN A 178 12.83 29.72 8.46
C ASN A 178 12.04 30.31 9.62
N LEU A 179 10.88 30.92 9.32
CA LEU A 179 10.04 31.44 10.40
C LEU A 179 9.19 30.34 11.01
N ILE A 180 8.94 29.29 10.24
CA ILE A 180 8.28 28.10 10.75
C ILE A 180 9.21 27.35 11.70
N LEU A 181 10.49 27.35 11.37
CA LEU A 181 11.51 26.66 12.15
C LEU A 181 11.85 27.45 13.40
N ASN A 182 11.32 28.67 13.49
CA ASN A 182 11.58 29.55 14.62
C ASN A 182 10.30 30.21 15.12
N PRO A 192 12.84 29.79 18.40
CA PRO A 192 14.19 29.76 17.79
C PRO A 192 15.26 29.22 18.73
N VAL A 193 15.74 28.02 18.43
CA VAL A 193 16.82 27.41 19.19
C VAL A 193 18.15 27.72 18.49
N SER A 194 19.19 27.99 19.29
CA SER A 194 20.47 28.47 18.76
C SER A 194 21.06 27.55 17.68
N HIS A 195 21.93 28.14 16.86
CA HIS A 195 22.53 27.46 15.71
C HIS A 195 23.70 26.56 16.06
N GLU A 196 24.54 27.02 17.00
CA GLU A 196 25.71 26.25 17.42
C GLU A 196 25.32 24.85 17.89
N HIS A 197 24.20 24.76 18.61
CA HIS A 197 23.67 23.47 19.05
C HIS A 197 23.36 22.58 17.84
N VAL A 198 22.75 23.19 16.83
CA VAL A 198 22.38 22.48 15.62
C VAL A 198 23.64 21.98 14.94
N GLU A 199 24.65 22.85 14.85
CA GLU A 199 25.94 22.42 14.32
C GLU A 199 26.51 21.27 15.14
N TRP A 200 26.44 21.38 16.46
CA TRP A 200 26.87 20.31 17.35
C TRP A 200 26.25 19.00 16.87
N CYS A 201 24.93 18.98 16.71
CA CYS A 201 24.26 17.76 16.23
C CYS A 201 24.69 17.32 14.81
N ARG A 202 24.60 18.24 13.85
CA ARG A 202 24.93 17.96 12.45
C ARG A 202 26.33 17.37 12.31
N GLU A 203 27.29 17.96 12.99
CA GLU A 203 28.67 17.49 12.98
C GLU A 203 28.82 16.27 13.86
N PHE A 204 28.00 16.17 14.91
CA PHE A 204 28.06 15.02 15.80
C PHE A 204 27.75 13.75 15.01
N VAL A 205 26.60 13.72 14.34
CA VAL A 205 26.19 12.49 13.66
C VAL A 205 27.17 12.08 12.55
N LYS A 206 27.77 13.06 11.89
CA LYS A 206 28.67 12.79 10.77
C LYS A 206 29.92 12.02 11.22
N GLY A 207 30.15 11.97 12.53
CA GLY A 207 31.16 11.08 13.12
C GLY A 207 32.17 11.69 14.07
N LYS A 208 31.68 12.36 15.11
CA LYS A 208 32.54 12.90 16.17
C LYS A 208 31.77 12.88 17.50
N TYR A 209 31.55 11.67 18.01
CA TYR A 209 30.70 11.46 19.19
C TYR A 209 31.29 11.94 20.51
N ILE A 210 32.62 11.92 20.61
CA ILE A 210 33.32 12.14 21.87
C ILE A 210 32.88 13.39 22.64
N MET A 211 32.55 14.44 21.89
CA MET A 211 32.13 15.71 22.49
C MET A 211 31.02 15.48 23.52
N ALA A 212 30.20 14.46 23.26
CA ALA A 212 29.07 14.14 24.11
C ALA A 212 29.47 14.01 25.58
N PHE A 213 30.72 13.61 25.83
CA PHE A 213 31.16 13.46 27.22
C PHE A 213 31.18 14.80 27.94
N ASN A 214 31.54 15.86 27.20
CA ASN A 214 31.66 17.19 27.76
C ASN A 214 31.27 18.23 26.73
N PRO A 215 29.96 18.45 26.55
CA PRO A 215 29.49 19.41 25.55
C PRO A 215 29.92 20.85 25.83
N PRO A 216 30.34 21.58 24.79
CA PRO A 216 30.86 22.95 24.93
C PRO A 216 29.83 23.98 25.40
N TRP A 217 28.55 23.80 25.09
CA TRP A 217 27.54 24.78 25.46
C TRP A 217 27.45 24.91 26.98
N GLY A 218 27.71 23.81 27.68
CA GLY A 218 27.64 23.79 29.13
C GLY A 218 27.46 22.37 29.65
N ASP A 219 26.28 22.08 30.19
CA ASP A 219 25.97 20.75 30.71
C ASP A 219 25.05 20.01 29.75
N ILE A 220 25.14 18.68 29.77
CA ILE A 220 24.37 17.85 28.85
C ILE A 220 22.86 18.03 29.03
N ASN A 221 22.44 18.35 30.25
CA ASN A 221 21.02 18.44 30.59
C ASN A 221 20.48 19.86 30.72
N LYS A 222 21.35 20.87 30.53
CA LYS A 222 20.93 22.26 30.67
C LYS A 222 19.70 22.61 29.83
N SER A 223 18.76 23.30 30.45
CA SER A 223 17.55 23.75 29.77
C SER A 223 17.66 25.24 29.54
N GLY A 224 16.95 25.74 28.53
CA GLY A 224 16.97 27.15 28.19
C GLY A 224 15.67 27.80 28.61
N ARG A 225 15.06 28.55 27.72
CA ARG A 225 13.78 29.18 28.01
C ARG A 225 12.70 28.11 27.96
N SER A 226 12.81 27.19 27.00
CA SER A 226 11.98 26.01 27.01
C SER A 226 12.34 25.17 28.23
N GLY A 227 11.35 24.52 28.84
CA GLY A 227 11.57 23.75 30.04
C GLY A 227 12.13 22.36 29.79
N ILE A 228 13.29 22.26 29.15
CA ILE A 228 13.88 20.94 28.89
C ILE A 228 15.28 21.03 28.28
N ALA A 229 16.04 19.94 28.43
CA ALA A 229 17.40 19.85 27.93
C ALA A 229 17.54 20.33 26.48
N LEU A 230 18.54 21.17 26.25
CA LEU A 230 18.80 21.74 24.93
C LEU A 230 19.08 20.66 23.88
N VAL A 231 19.66 19.55 24.31
CA VAL A 231 19.94 18.42 23.42
C VAL A 231 18.69 18.03 22.64
N ALA A 232 17.59 17.83 23.36
CA ALA A 232 16.32 17.43 22.75
C ALA A 232 15.89 18.42 21.67
N THR A 233 15.89 19.70 22.03
CA THR A 233 15.51 20.76 21.09
C THR A 233 16.44 20.78 19.88
N GLY A 234 17.73 20.56 20.14
CA GLY A 234 18.73 20.50 19.09
C GLY A 234 18.45 19.39 18.10
N LEU A 235 18.33 18.17 18.62
CA LEU A 235 18.00 17.02 17.79
C LEU A 235 16.71 17.26 17.02
N ALA A 236 15.69 17.73 17.73
CA ALA A 236 14.41 18.08 17.13
C ALA A 236 14.61 19.04 15.96
N LYS A 237 15.40 20.08 16.19
CA LYS A 237 15.71 21.08 15.16
C LYS A 237 16.37 20.44 13.94
N LEU A 238 17.45 19.70 14.20
CA LEU A 238 18.20 19.05 13.12
C LEU A 238 17.28 18.14 12.32
N ALA A 239 16.45 17.38 13.04
CA ALA A 239 15.46 16.52 12.40
C ALA A 239 14.48 17.32 11.54
N GLU A 240 13.95 18.41 12.11
CA GLU A 240 13.05 19.30 11.37
C GLU A 240 13.68 19.75 10.07
N THR A 241 14.89 20.27 10.15
CA THR A 241 15.54 20.81 8.97
C THR A 241 16.07 19.71 8.05
N GLU A 242 16.37 18.54 8.60
CA GLU A 242 16.97 17.46 7.79
C GLU A 242 16.39 16.06 8.03
N GLY A 243 15.06 15.94 7.95
CA GLY A 243 14.41 14.64 7.81
C GLY A 243 14.50 13.69 9.00
N LYS A 244 13.85 12.53 8.85
CA LYS A 244 13.81 11.50 9.88
C LYS A 244 15.11 10.71 10.03
N GLY A 245 15.92 10.68 8.99
CA GLY A 245 17.08 9.79 8.95
C GLY A 245 17.98 9.93 10.15
N VAL A 246 18.03 11.13 10.71
CA VAL A 246 18.88 11.44 11.84
C VAL A 246 18.58 10.50 13.00
N PHE A 247 17.31 10.12 13.12
CA PHE A 247 16.85 9.26 14.19
C PHE A 247 17.34 7.81 14.02
N ASP A 248 17.82 7.48 12.83
CA ASP A 248 18.41 6.17 12.61
C ASP A 248 19.88 6.24 13.03
N GLU A 249 20.55 7.29 12.57
CA GLU A 249 21.92 7.55 12.97
C GLU A 249 21.94 7.78 14.47
N ALA A 250 20.77 8.13 15.02
CA ALA A 250 20.61 8.28 16.46
C ALA A 250 20.39 6.91 17.12
N LYS A 251 20.82 5.86 16.44
CA LYS A 251 20.94 4.53 17.05
C LYS A 251 22.26 3.89 16.63
N LYS A 252 22.66 4.13 15.39
CA LYS A 252 23.97 3.69 14.90
C LYS A 252 25.07 4.42 15.67
N THR A 253 24.97 5.75 15.73
CA THR A 253 25.94 6.58 16.41
C THR A 253 25.88 6.37 17.93
N VAL A 254 24.89 5.62 18.39
CA VAL A 254 24.67 5.33 19.80
C VAL A 254 25.51 4.15 20.26
N GLU A 255 26.00 3.34 19.31
CA GLU A 255 26.82 2.17 19.65
C GLU A 255 27.91 2.58 20.62
N ALA A 256 28.48 3.77 20.40
CA ALA A 256 29.50 4.31 21.28
C ALA A 256 28.94 4.65 22.67
N LEU A 257 27.64 4.93 22.75
CA LEU A 257 27.05 5.27 24.05
C LEU A 257 27.00 4.02 24.92
N ASN A 258 26.04 3.14 24.63
CA ASN A 258 25.91 1.89 25.35
C ASN A 258 27.21 1.09 25.31
N GLY A 259 27.87 1.12 24.17
CA GLY A 259 29.16 0.46 24.03
C GLY A 259 30.26 1.00 24.93
N TYR A 260 30.60 2.27 24.77
CA TYR A 260 31.73 2.81 25.51
C TYR A 260 31.41 2.92 26.99
N LEU A 261 30.12 3.11 27.32
CA LEU A 261 29.72 3.22 28.71
C LEU A 261 29.53 1.87 29.42
N ASP A 262 28.66 1.01 28.88
CA ASP A 262 28.38 -0.28 29.51
C ASP A 262 29.25 -1.45 29.03
N LYS A 263 29.44 -1.55 27.71
CA LYS A 263 30.21 -2.65 27.14
C LYS A 263 31.72 -2.54 27.35
N HIS A 264 32.28 -1.38 27.08
CA HIS A 264 33.73 -1.19 27.18
C HIS A 264 34.15 -1.03 28.64
N LYS A 265 34.26 -2.18 29.31
CA LYS A 265 34.72 -2.21 30.70
C LYS A 265 36.21 -1.92 30.82
N ASP A 266 36.92 -1.92 29.69
CA ASP A 266 38.36 -1.70 29.70
C ASP A 266 38.75 -0.22 29.63
N GLU A 267 37.85 0.64 29.18
CA GLU A 267 38.17 2.06 28.99
C GLU A 267 37.47 3.00 29.98
N VAL A 268 36.16 2.90 30.07
CA VAL A 268 35.35 3.82 30.89
C VAL A 268 34.70 3.13 32.08
N ASP A 269 34.36 3.92 33.10
CA ASP A 269 33.70 3.43 34.30
C ASP A 269 32.36 2.76 34.00
N LYS A 270 31.87 1.99 34.98
CA LYS A 270 30.62 1.26 34.85
C LYS A 270 29.71 1.44 36.06
N ALA A 271 29.73 2.63 36.64
CA ALA A 271 28.93 2.91 37.84
C ALA A 271 28.21 4.25 37.71
N SER A 272 28.97 5.34 37.79
CA SER A 272 28.40 6.68 37.58
C SER A 272 28.28 6.99 36.10
N ALA A 273 28.89 6.13 35.27
CA ALA A 273 28.85 6.28 33.82
C ALA A 273 27.78 5.41 33.18
N ASP A 274 27.46 4.30 33.82
CA ASP A 274 26.44 3.37 33.33
C ASP A 274 25.08 4.06 33.10
N ASN A 275 24.81 5.11 33.86
CA ASN A 275 23.53 5.81 33.77
C ASN A 275 23.53 6.89 32.69
N MET A 276 24.71 7.22 32.18
CA MET A 276 24.84 8.23 31.13
C MET A 276 24.15 7.76 29.84
N VAL A 277 24.08 6.44 29.65
CA VAL A 277 23.41 5.87 28.48
C VAL A 277 21.98 6.38 28.42
N THR A 278 21.29 6.33 29.57
CA THR A 278 19.94 6.87 29.69
C THR A 278 19.88 8.35 29.32
N ASN A 279 20.88 9.10 29.78
CA ASN A 279 20.90 10.57 29.69
C ASN A 279 20.58 11.12 28.30
N LEU A 280 21.37 10.77 27.30
CA LEU A 280 21.13 11.26 25.95
C LEU A 280 19.95 10.58 25.24
N LEU A 281 19.85 9.26 25.36
CA LEU A 281 18.79 8.52 24.70
C LEU A 281 17.41 9.02 25.13
N LYS A 282 17.26 9.39 26.40
CA LYS A 282 16.02 10.03 26.83
C LYS A 282 15.74 11.27 25.99
N HIS A 283 16.80 12.05 25.74
CA HIS A 283 16.68 13.27 24.93
C HIS A 283 16.42 12.95 23.47
N VAL A 284 17.00 11.85 22.95
CA VAL A 284 16.69 11.40 21.59
C VAL A 284 15.21 11.06 21.47
N ALA A 285 14.72 10.26 22.42
CA ALA A 285 13.30 9.92 22.46
C ALA A 285 12.45 11.19 22.45
N LYS A 286 12.73 12.05 23.43
CA LYS A 286 12.01 13.31 23.51
C LYS A 286 12.20 14.12 22.24
N ALA A 287 13.37 14.02 21.61
CA ALA A 287 13.63 14.74 20.37
C ALA A 287 12.68 14.26 19.29
N GLN A 288 12.50 12.93 19.18
CA GLN A 288 11.47 12.41 18.29
C GLN A 288 10.11 12.99 18.66
N GLU A 289 9.79 12.99 19.95
CA GLU A 289 8.51 13.54 20.39
C GLU A 289 8.36 15.02 20.01
N LEU A 290 9.44 15.78 20.06
CA LEU A 290 9.41 17.19 19.66
C LEU A 290 9.28 17.32 18.15
N TYR A 291 9.99 16.48 17.42
CA TYR A 291 9.96 16.50 15.96
C TYR A 291 8.58 16.16 15.43
N LYS A 292 7.94 15.16 16.03
CA LYS A 292 6.59 14.79 15.62
C LYS A 292 5.63 15.98 15.64
N ASN A 293 5.72 16.79 16.69
CA ASN A 293 4.81 17.92 16.87
C ASN A 293 5.42 19.24 16.43
N SER A 294 6.63 19.18 15.86
CA SER A 294 7.33 20.36 15.38
C SER A 294 6.46 21.11 14.38
N SER A 295 6.54 22.44 14.41
CA SER A 295 5.75 23.26 13.52
C SER A 295 6.00 22.88 12.07
N ALA A 296 7.26 22.61 11.75
CA ALA A 296 7.66 22.20 10.42
C ALA A 296 6.87 20.99 9.94
N LEU A 297 6.71 20.01 10.82
CA LEU A 297 6.08 18.75 10.44
C LEU A 297 4.58 18.93 10.30
N ARG A 298 3.96 19.60 11.27
CA ARG A 298 2.51 19.80 11.26
C ARG A 298 2.12 20.73 10.10
N ALA A 299 3.01 21.64 9.73
CA ALA A 299 2.84 22.40 8.50
C ALA A 299 3.00 21.48 7.28
N GLN A 300 4.07 20.70 7.27
CA GLN A 300 4.32 19.72 6.21
C GLN A 300 3.16 18.77 6.01
N GLY A 301 2.50 18.38 7.09
CA GLY A 301 1.43 17.41 7.03
C GLY A 301 0.15 18.04 6.53
N ALA A 302 0.09 19.37 6.60
CA ALA A 302 -1.08 20.10 6.13
C ALA A 302 -1.17 20.09 4.60
N GLN A 303 -0.12 19.61 3.94
CA GLN A 303 -0.12 19.50 2.48
C GLN A 303 -1.39 18.79 2.00
N ILE A 304 -2.05 19.40 1.02
CA ILE A 304 -3.37 18.96 0.58
C ILE A 304 -3.35 18.00 -0.61
N ASP A 305 -4.23 17.01 -0.57
CA ASP A 305 -4.46 16.10 -1.69
C ASP A 305 -5.71 16.55 -2.43
N THR A 306 -5.50 17.18 -3.58
CA THR A 306 -6.57 17.83 -4.33
C THR A 306 -7.81 16.98 -4.53
N VAL A 307 -7.66 15.88 -5.26
CA VAL A 307 -8.81 15.09 -5.68
C VAL A 307 -9.54 14.46 -4.49
N PHE A 308 -8.78 14.00 -3.50
CA PHE A 308 -9.36 13.39 -2.33
C PHE A 308 -10.21 14.39 -1.57
N SER A 309 -9.64 15.56 -1.28
CA SER A 309 -10.36 16.61 -0.58
C SER A 309 -11.58 17.04 -1.39
N SER A 310 -11.41 17.16 -2.71
CA SER A 310 -12.53 17.49 -3.59
C SER A 310 -13.68 16.50 -3.40
N TYR A 311 -13.38 15.22 -3.54
CA TYR A 311 -14.41 14.20 -3.39
C TYR A 311 -14.98 14.17 -1.97
N TYR A 312 -14.13 14.45 -0.98
CA TYR A 312 -14.60 14.54 0.40
C TYR A 312 -15.64 15.65 0.51
N TRP A 313 -15.32 16.81 -0.06
CA TRP A 313 -16.23 17.94 -0.05
C TRP A 313 -17.52 17.61 -0.80
N LEU A 314 -17.39 16.92 -1.94
CA LEU A 314 -18.57 16.41 -2.63
C LEU A 314 -19.43 15.58 -1.68
N TYR A 315 -18.82 14.60 -1.03
CA TYR A 315 -19.51 13.75 -0.06
C TYR A 315 -20.20 14.57 1.03
N LYS A 316 -19.47 15.50 1.63
CA LYS A 316 -20.01 16.34 2.70
C LYS A 316 -21.15 17.23 2.19
N ALA A 317 -21.06 17.64 0.94
CA ALA A 317 -22.07 18.51 0.33
C ALA A 317 -23.34 17.74 -0.01
N GLY A 318 -23.30 16.42 0.14
CA GLY A 318 -24.45 15.59 -0.16
C GLY A 318 -24.66 15.41 -1.65
N VAL A 319 -23.58 15.56 -2.40
CA VAL A 319 -23.65 15.37 -3.85
C VAL A 319 -23.74 13.89 -4.20
N THR A 320 -24.61 13.58 -5.15
CA THR A 320 -24.75 12.21 -5.66
C THR A 320 -24.17 12.16 -7.07
N PRO A 321 -23.91 10.96 -7.59
CA PRO A 321 -23.43 10.83 -8.97
C PRO A 321 -24.40 11.41 -10.02
N GLU A 322 -25.61 11.80 -9.60
CA GLU A 322 -26.60 12.36 -10.51
C GLU A 322 -26.69 13.87 -10.39
N THR A 323 -26.41 14.40 -9.20
CA THR A 323 -26.39 15.84 -8.97
C THR A 323 -25.00 16.41 -9.31
N PHE A 324 -24.04 15.52 -9.51
CA PHE A 324 -22.65 15.90 -9.77
C PHE A 324 -22.46 16.78 -11.01
N PRO A 325 -23.16 16.46 -12.12
CA PRO A 325 -23.04 17.29 -13.32
C PRO A 325 -23.32 18.77 -13.08
N THR A 326 -24.29 19.10 -12.23
CA THR A 326 -24.58 20.48 -11.90
C THR A 326 -23.41 21.14 -11.19
N VAL A 327 -22.75 20.38 -10.32
CA VAL A 327 -21.54 20.85 -9.65
C VAL A 327 -20.46 21.10 -10.68
N SER A 328 -20.27 20.14 -11.58
CA SER A 328 -19.30 20.29 -12.65
C SER A 328 -19.58 21.52 -13.49
N GLN A 329 -20.86 21.72 -13.82
CA GLN A 329 -21.28 22.86 -14.61
C GLN A 329 -20.98 24.15 -13.86
N PHE A 330 -21.27 24.15 -12.56
CA PHE A 330 -20.98 25.30 -11.71
C PHE A 330 -19.50 25.64 -11.74
N LEU A 331 -18.67 24.67 -11.37
CA LEU A 331 -17.22 24.90 -11.34
C LEU A 331 -16.70 25.35 -12.71
N PHE A 332 -17.21 24.72 -13.78
CA PHE A 332 -16.85 25.15 -15.12
C PHE A 332 -17.19 26.62 -15.33
N GLU A 333 -18.47 26.98 -15.17
CA GLU A 333 -18.92 28.35 -15.35
C GLU A 333 -18.15 29.30 -14.43
N LEU A 334 -17.72 28.81 -13.27
CA LEU A 334 -16.93 29.63 -12.37
C LEU A 334 -15.54 29.87 -12.95
N GLY A 335 -14.95 28.82 -13.49
CA GLY A 335 -13.63 28.92 -14.09
C GLY A 335 -13.61 29.62 -15.44
N LYS A 336 -14.76 29.66 -16.11
CA LYS A 336 -14.85 30.22 -17.47
C LYS A 336 -14.36 31.66 -17.58
N HIS A 337 -14.71 32.47 -16.60
CA HIS A 337 -14.48 33.91 -16.66
C HIS A 337 -14.34 34.45 -15.24
N PRO A 338 -13.33 35.31 -14.99
CA PRO A 338 -13.08 35.72 -13.61
C PRO A 338 -14.27 36.40 -12.95
N ARG A 339 -14.75 35.81 -11.88
CA ARG A 339 -15.89 36.32 -11.14
C ARG A 339 -15.71 36.12 -9.64
N GLY A 340 -15.87 37.20 -8.88
CA GLY A 340 -15.46 37.26 -7.50
C GLY A 340 -16.09 36.28 -6.55
N THR A 341 -15.57 36.26 -5.32
CA THR A 341 -16.11 35.43 -4.26
C THR A 341 -17.55 35.80 -3.94
N LYS A 342 -17.85 37.09 -3.94
CA LYS A 342 -19.18 37.57 -3.65
C LYS A 342 -20.19 36.91 -4.59
N LYS A 343 -20.01 37.12 -5.89
CA LYS A 343 -20.87 36.50 -6.89
C LYS A 343 -20.89 34.98 -6.74
N MET A 344 -19.75 34.41 -6.40
CA MET A 344 -19.64 32.97 -6.19
C MET A 344 -20.62 32.53 -5.09
N LYS A 345 -20.58 33.24 -3.96
CA LYS A 345 -21.45 32.93 -2.83
C LYS A 345 -22.92 33.16 -3.20
N LYS A 346 -23.19 34.26 -3.88
CA LYS A 346 -24.54 34.52 -4.40
C LYS A 346 -25.02 33.30 -5.17
N ALA A 347 -24.25 32.90 -6.17
CA ALA A 347 -24.61 31.77 -7.01
C ALA A 347 -24.69 30.48 -6.20
N LEU A 348 -23.83 30.32 -5.21
CA LEU A 348 -23.87 29.13 -4.35
C LEU A 348 -25.20 29.04 -3.63
N LEU A 349 -25.63 30.15 -3.04
CA LEU A 349 -26.86 30.16 -2.27
C LEU A 349 -28.09 30.05 -3.16
N SER A 350 -28.14 30.84 -4.23
CA SER A 350 -29.36 30.98 -5.03
C SER A 350 -29.79 29.72 -5.81
N THR A 351 -28.87 28.80 -6.06
CA THR A 351 -29.18 27.63 -6.88
C THR A 351 -30.29 26.74 -6.28
N PRO A 352 -31.16 26.17 -7.14
CA PRO A 352 -32.17 25.21 -6.67
C PRO A 352 -31.55 24.00 -6.00
N MET A 353 -30.38 23.60 -6.49
CA MET A 353 -29.66 22.44 -5.96
C MET A 353 -29.49 22.53 -4.45
N LYS A 354 -29.56 21.38 -3.80
CA LYS A 354 -29.50 21.33 -2.34
C LYS A 354 -28.07 21.44 -1.84
N TRP A 355 -27.11 21.02 -2.64
CA TRP A 355 -25.71 21.07 -2.23
C TRP A 355 -25.19 22.49 -2.03
N GLY A 356 -25.49 23.41 -2.94
CA GLY A 356 -24.94 24.76 -2.86
C GLY A 356 -24.90 25.42 -1.49
N LYS A 357 -26.02 25.39 -0.77
CA LYS A 357 -26.06 25.98 0.57
C LYS A 357 -25.16 25.20 1.51
N LYS A 358 -25.23 23.88 1.43
CA LYS A 358 -24.44 23.02 2.31
C LYS A 358 -22.97 23.30 2.07
N LEU A 359 -22.56 23.16 0.81
CA LEU A 359 -21.21 23.48 0.38
C LEU A 359 -20.80 24.87 0.84
N TYR A 360 -21.70 25.84 0.77
CA TYR A 360 -21.38 27.16 1.30
C TYR A 360 -21.12 27.10 2.80
N GLU A 361 -21.96 26.35 3.52
CA GLU A 361 -21.80 26.25 4.97
C GLU A 361 -20.44 25.66 5.38
N LEU A 362 -19.78 24.97 4.46
CA LEU A 362 -18.49 24.34 4.76
C LEU A 362 -17.32 25.32 4.75
N PHE A 363 -17.51 26.49 4.14
CA PHE A 363 -16.45 27.49 4.09
C PHE A 363 -15.99 27.83 5.50
N ALA A 364 -14.72 28.19 5.65
CA ALA A 364 -14.15 28.45 6.96
C ALA A 364 -13.13 29.57 6.89
N ASP A 365 -13.32 30.48 5.95
CA ASP A 365 -12.36 31.54 5.68
C ASP A 365 -12.10 32.38 6.93
N ASP A 366 -13.12 33.08 7.41
CA ASP A 366 -12.96 33.97 8.55
C ASP A 366 -12.79 33.19 9.86
N SER A 367 -13.38 32.01 9.91
CA SER A 367 -13.37 31.16 11.10
C SER A 367 -11.96 30.91 11.65
N PHE A 368 -11.00 30.71 10.77
CA PHE A 368 -9.64 30.33 11.18
C PHE A 368 -8.91 31.45 11.89
N GLN A 369 -8.02 31.07 12.80
CA GLN A 369 -7.32 32.03 13.66
C GLN A 369 -5.82 32.12 13.37
N GLN A 370 -5.13 30.98 13.41
CA GLN A 370 -3.68 30.94 13.17
C GLN A 370 -3.34 31.10 11.69
N ASN A 371 -2.06 30.91 11.38
CA ASN A 371 -1.59 30.96 9.99
C ASN A 371 -2.23 29.87 9.14
N ARG A 372 -2.77 30.27 8.00
CA ARG A 372 -3.49 29.35 7.11
C ARG A 372 -2.69 28.13 6.70
N ILE A 373 -1.36 28.22 6.75
CA ILE A 373 -0.51 27.10 6.36
C ILE A 373 -0.82 25.87 7.22
N TYR A 374 -1.37 26.10 8.41
CA TYR A 374 -1.63 25.02 9.37
C TYR A 374 -3.02 24.40 9.22
N MET A 375 -3.94 25.12 8.57
CA MET A 375 -5.31 24.63 8.39
C MET A 375 -5.36 23.21 7.80
N HIS A 376 -6.12 22.35 8.46
CA HIS A 376 -6.28 20.96 8.03
C HIS A 376 -6.68 20.90 6.55
N PRO A 377 -6.08 19.96 5.78
CA PRO A 377 -6.30 19.94 4.32
C PRO A 377 -7.71 19.56 3.90
N ALA A 378 -8.59 19.21 4.84
CA ALA A 378 -9.94 18.80 4.51
C ALA A 378 -10.95 19.91 4.78
N VAL A 379 -10.44 21.08 5.18
CA VAL A 379 -11.29 22.22 5.45
C VAL A 379 -11.49 23.05 4.19
N LEU A 380 -12.74 23.14 3.74
CA LEU A 380 -13.04 23.92 2.54
C LEU A 380 -13.01 25.39 2.87
N THR A 381 -12.54 26.17 1.91
CA THR A 381 -12.59 27.63 1.97
C THR A 381 -12.85 28.12 0.56
N ALA A 382 -13.36 29.34 0.42
CA ALA A 382 -13.66 29.90 -0.89
C ALA A 382 -12.46 29.72 -1.81
N GLY A 383 -11.30 30.19 -1.34
CA GLY A 383 -10.07 30.08 -2.08
C GLY A 383 -9.76 28.65 -2.50
N ARG A 384 -10.17 27.69 -1.67
CA ARG A 384 -9.88 26.29 -1.93
C ARG A 384 -10.87 25.66 -2.91
N ILE A 385 -11.90 26.42 -3.30
CA ILE A 385 -12.84 25.91 -4.30
C ILE A 385 -12.04 25.51 -5.55
N SER A 386 -11.02 26.30 -5.84
CA SER A 386 -10.14 26.06 -6.98
C SER A 386 -9.56 24.65 -6.98
N GLU A 387 -9.51 24.02 -5.80
CA GLU A 387 -9.02 22.65 -5.72
C GLU A 387 -10.00 21.71 -6.40
N MET A 388 -11.29 22.01 -6.27
CA MET A 388 -12.33 21.22 -6.93
C MET A 388 -12.33 21.57 -8.41
N GLY A 389 -12.23 22.86 -8.69
CA GLY A 389 -12.29 23.39 -10.05
C GLY A 389 -11.42 22.66 -11.05
N VAL A 390 -10.23 22.22 -10.63
CA VAL A 390 -9.33 21.56 -11.56
C VAL A 390 -9.76 20.11 -11.81
N CYS A 391 -10.49 19.52 -10.88
CA CYS A 391 -10.92 18.14 -11.01
C CYS A 391 -12.20 18.02 -11.84
N PHE A 392 -13.13 18.93 -11.61
CA PHE A 392 -14.48 18.82 -12.15
C PHE A 392 -14.80 19.97 -13.10
N GLY A 393 -14.19 21.13 -12.86
CA GLY A 393 -14.54 22.34 -13.59
C GLY A 393 -13.99 22.43 -14.99
N THR A 394 -12.80 21.88 -15.23
CA THR A 394 -12.15 21.99 -16.54
C THR A 394 -13.04 21.46 -17.66
N ILE A 395 -13.67 20.31 -17.41
CA ILE A 395 -14.58 19.71 -18.39
C ILE A 395 -15.99 19.60 -17.79
N PRO A 396 -16.95 20.34 -18.35
CA PRO A 396 -18.32 20.20 -17.86
C PRO A 396 -18.94 18.90 -18.37
N VAL A 397 -19.13 17.94 -17.48
CA VAL A 397 -19.53 16.59 -17.87
C VAL A 397 -20.88 16.55 -18.59
N ALA A 398 -21.73 17.53 -18.33
CA ALA A 398 -23.03 17.60 -18.99
C ALA A 398 -22.89 17.87 -20.48
N ASN A 399 -21.80 18.54 -20.86
CA ASN A 399 -21.54 18.88 -22.25
C ASN A 399 -20.05 19.11 -22.48
N PRO A 400 -19.25 18.03 -22.45
CA PRO A 400 -17.78 18.11 -22.47
C PRO A 400 -17.22 18.96 -23.60
N ASP A 401 -17.94 19.04 -24.71
CA ASP A 401 -17.49 19.82 -25.87
C ASP A 401 -17.25 21.28 -25.48
N ASP A 402 -17.99 21.76 -24.49
CA ASP A 402 -17.84 23.12 -24.00
C ASP A 402 -16.46 23.38 -23.40
N ALA A 403 -15.77 22.30 -23.04
CA ALA A 403 -14.43 22.40 -22.44
C ALA A 403 -13.47 23.23 -23.30
N ALA A 404 -13.72 23.28 -24.60
CA ALA A 404 -12.89 24.04 -25.51
C ALA A 404 -12.97 25.53 -25.24
N LEU A 405 -14.10 25.98 -24.69
CA LEU A 405 -14.27 27.39 -24.34
C LEU A 405 -13.19 27.84 -23.38
N GLY A 406 -12.74 26.92 -22.53
CA GLY A 406 -11.71 27.21 -21.56
C GLY A 406 -12.29 27.49 -20.19
N SER A 407 -11.73 26.84 -19.19
CA SER A 407 -12.13 27.07 -17.81
C SER A 407 -10.90 26.97 -16.91
N GLY A 408 -10.41 28.12 -16.46
CA GLY A 408 -9.17 28.18 -15.72
C GLY A 408 -9.31 27.92 -14.23
N HIS A 409 -8.46 27.03 -13.72
CA HIS A 409 -8.30 26.83 -12.28
C HIS A 409 -6.81 26.64 -12.00
N THR A 410 -6.36 27.28 -10.93
CA THR A 410 -4.93 27.45 -10.62
C THR A 410 -4.03 26.26 -10.98
N LYS A 411 -4.28 25.12 -10.34
CA LYS A 411 -3.35 24.02 -10.38
C LYS A 411 -3.14 23.45 -11.78
N SER A 412 -4.00 23.83 -12.72
CA SER A 412 -3.82 23.44 -14.11
C SER A 412 -2.46 23.91 -14.63
N ILE A 413 -1.89 24.92 -13.96
CA ILE A 413 -0.57 25.42 -14.33
C ILE A 413 0.46 24.31 -14.23
N LEU A 414 0.20 23.32 -13.38
CA LEU A 414 1.13 22.20 -13.23
C LEU A 414 1.18 21.37 -14.52
N ASN A 415 0.17 21.53 -15.37
CA ASN A 415 0.12 20.79 -16.61
C ASN A 415 1.16 21.29 -17.62
N LEU A 416 1.67 22.50 -17.38
CA LEU A 416 2.65 23.10 -18.28
C LEU A 416 3.98 22.35 -18.25
N ARG A 417 4.72 22.46 -19.35
CA ARG A 417 5.98 21.75 -19.51
C ARG A 417 7.11 22.44 -18.76
N THR A 418 8.08 21.66 -18.30
CA THR A 418 9.15 22.15 -17.44
C THR A 418 10.53 22.01 -18.08
N ASN A 419 10.56 21.84 -19.40
CA ASN A 419 11.81 21.55 -20.11
C ASN A 419 12.25 22.68 -21.04
N THR A 420 13.55 22.68 -21.36
CA THR A 420 14.17 23.80 -22.08
C THR A 420 13.71 23.92 -23.53
N GLU A 421 13.25 22.81 -24.11
CA GLU A 421 12.80 22.80 -25.50
C GLU A 421 11.75 23.89 -25.72
N THR A 422 10.88 24.04 -24.72
CA THR A 422 9.80 25.03 -24.76
C THR A 422 10.10 26.21 -23.84
N ASN A 423 11.29 26.19 -23.23
CA ASN A 423 11.73 27.22 -22.29
C ASN A 423 10.84 27.33 -21.05
N ASN A 424 10.39 26.17 -20.56
CA ASN A 424 9.66 26.07 -19.30
C ASN A 424 8.58 27.15 -19.16
N PRO A 425 7.47 27.01 -19.91
CA PRO A 425 6.37 27.97 -19.83
C PRO A 425 5.77 28.02 -18.42
N CYS A 426 5.81 26.88 -17.73
CA CYS A 426 5.37 26.80 -16.34
C CYS A 426 6.07 27.85 -15.48
N ALA A 427 7.40 27.76 -15.43
CA ALA A 427 8.22 28.69 -14.67
C ALA A 427 7.91 30.14 -15.04
N ARG A 428 7.89 30.42 -16.34
CA ARG A 428 7.58 31.76 -16.83
C ARG A 428 6.24 32.24 -16.29
N THR A 429 5.22 31.40 -16.42
CA THR A 429 3.89 31.71 -15.92
C THR A 429 3.90 32.02 -14.43
N ILE A 430 4.43 31.09 -13.64
CA ILE A 430 4.50 31.26 -12.20
C ILE A 430 5.20 32.57 -11.83
N VAL A 431 6.36 32.79 -12.42
CA VAL A 431 7.12 34.02 -12.21
C VAL A 431 6.27 35.24 -12.55
N LYS A 432 5.60 35.19 -13.69
CA LYS A 432 4.75 36.28 -14.15
C LYS A 432 3.68 36.61 -13.11
N LEU A 433 2.95 35.57 -12.71
CA LEU A 433 1.90 35.74 -11.71
C LEU A 433 2.49 36.29 -10.41
N PHE A 434 3.61 35.74 -9.99
CA PHE A 434 4.30 36.21 -8.80
C PHE A 434 4.62 37.71 -8.89
N GLU A 435 5.20 38.12 -10.00
CA GLU A 435 5.54 39.54 -10.19
C GLU A 435 4.30 40.41 -10.28
N ILE A 436 3.22 39.88 -10.85
CA ILE A 436 1.95 40.59 -10.83
C ILE A 436 1.49 40.81 -9.39
N GLN A 437 1.44 39.72 -8.62
CA GLN A 437 1.11 39.77 -7.20
C GLN A 437 2.02 40.75 -6.46
N LYS A 438 3.29 40.75 -6.84
CA LYS A 438 4.26 41.64 -6.21
C LYS A 438 3.99 43.10 -6.57
N THR A 439 3.64 43.35 -7.82
CA THR A 439 3.29 44.71 -8.26
C THR A 439 2.01 45.18 -7.60
N GLY A 440 1.06 44.27 -7.44
CA GLY A 440 -0.24 44.61 -6.89
C GLY A 440 -0.29 44.71 -5.38
N PHE A 441 0.36 43.78 -4.70
CA PHE A 441 0.22 43.66 -3.25
C PHE A 441 1.59 43.62 -2.58
N ASN A 442 1.59 43.66 -1.25
CA ASN A 442 2.80 43.43 -0.47
C ASN A 442 2.91 41.94 -0.15
N ILE A 443 3.85 41.28 -0.81
CA ILE A 443 4.04 39.84 -0.67
C ILE A 443 4.33 39.45 0.77
N GLN A 444 5.29 40.11 1.39
CA GLN A 444 5.71 39.84 2.76
C GLN A 444 4.53 39.65 3.73
N ASP A 445 3.47 40.43 3.55
CA ASP A 445 2.36 40.45 4.50
C ASP A 445 1.33 39.35 4.26
N MET A 446 1.54 38.51 3.25
CA MET A 446 0.62 37.41 2.96
C MET A 446 1.09 36.13 3.63
N ASP A 447 0.14 35.36 4.14
CA ASP A 447 0.45 34.06 4.73
C ASP A 447 0.96 33.09 3.68
N ILE A 448 0.25 33.00 2.56
CA ILE A 448 0.60 32.08 1.48
C ILE A 448 0.61 32.78 0.12
N VAL A 449 1.70 32.63 -0.62
CA VAL A 449 1.79 33.16 -1.98
C VAL A 449 1.59 32.00 -2.96
N ALA A 450 0.46 32.02 -3.66
CA ALA A 450 0.07 30.93 -4.57
C ALA A 450 1.19 30.53 -5.54
N SER A 451 1.74 31.52 -6.23
CA SER A 451 2.79 31.27 -7.22
C SER A 451 3.98 30.54 -6.58
N GLU A 452 4.38 30.98 -5.40
CA GLU A 452 5.45 30.32 -4.66
C GLU A 452 5.08 28.86 -4.42
N HIS A 453 3.83 28.62 -4.04
CA HIS A 453 3.37 27.27 -3.78
C HIS A 453 3.44 26.42 -5.04
N LEU A 454 2.95 26.98 -6.15
CA LEU A 454 3.03 26.29 -7.44
C LEU A 454 4.49 25.96 -7.77
N LEU A 455 5.37 26.93 -7.57
CA LEU A 455 6.78 26.70 -7.81
C LEU A 455 7.30 25.57 -6.94
N HIS A 456 6.93 25.62 -5.66
CA HIS A 456 7.35 24.59 -4.71
C HIS A 456 6.82 23.22 -5.13
N GLN A 457 5.62 23.21 -5.70
CA GLN A 457 5.05 21.97 -6.22
C GLN A 457 5.82 21.50 -7.44
N SER A 458 6.20 22.43 -8.30
CA SER A 458 7.00 22.09 -9.46
C SER A 458 8.37 21.59 -9.00
N LEU A 459 8.85 22.15 -7.89
CA LEU A 459 10.17 21.81 -7.39
C LEU A 459 10.26 20.40 -6.84
N VAL A 460 9.16 19.87 -6.31
CA VAL A 460 9.13 18.48 -5.86
C VAL A 460 8.77 17.57 -7.03
N GLY A 461 8.66 18.15 -8.22
CA GLY A 461 8.46 17.39 -9.44
C GLY A 461 7.04 16.94 -9.73
N LYS A 462 6.06 17.75 -9.32
CA LYS A 462 4.69 17.49 -9.74
C LYS A 462 4.53 17.90 -11.19
N GLN A 463 3.80 17.12 -11.96
CA GLN A 463 3.59 17.40 -13.38
C GLN A 463 2.11 17.28 -13.74
N SER A 464 1.29 16.99 -12.74
CA SER A 464 -0.16 17.03 -12.87
C SER A 464 -0.76 17.26 -11.49
N PRO A 465 -1.90 17.97 -11.44
CA PRO A 465 -2.48 18.30 -10.13
C PRO A 465 -3.06 17.08 -9.42
N PHE A 466 -3.06 15.94 -10.09
CA PHE A 466 -3.67 14.73 -9.54
C PHE A 466 -2.64 13.80 -8.91
N GLN A 467 -1.37 14.18 -8.95
CA GLN A 467 -0.33 13.41 -8.29
C GLN A 467 -0.31 13.73 -6.79
N ASN A 468 -0.08 12.71 -5.98
CA ASN A 468 0.07 12.89 -4.53
C ASN A 468 1.55 12.91 -4.18
N ALA A 469 2.03 14.10 -3.80
CA ALA A 469 3.46 14.32 -3.60
C ALA A 469 3.83 14.36 -2.12
N TYR A 470 3.06 13.68 -1.27
CA TYR A 470 3.33 13.69 0.16
C TYR A 470 4.54 12.82 0.52
N ASN A 471 4.61 11.64 -0.06
CA ASN A 471 5.68 10.70 0.25
C ASN A 471 7.00 11.03 -0.45
N VAL A 472 7.02 12.13 -1.20
CA VAL A 472 8.27 12.64 -1.76
C VAL A 472 9.24 12.96 -0.63
N LYS A 473 10.53 12.80 -0.90
CA LYS A 473 11.57 12.95 0.12
C LYS A 473 12.61 13.99 -0.29
N GLY A 474 12.97 14.85 0.67
CA GLY A 474 13.97 15.88 0.46
C GLY A 474 13.39 17.27 0.62
N ASN A 475 14.27 18.25 0.78
CA ASN A 475 13.87 19.64 0.94
C ASN A 475 13.93 20.37 -0.39
N ALA A 476 12.77 20.82 -0.89
CA ALA A 476 12.67 21.35 -2.24
C ALA A 476 13.31 22.72 -2.39
N THR A 477 13.40 23.48 -1.31
CA THR A 477 13.94 24.83 -1.38
C THR A 477 15.47 24.83 -1.41
N SER A 478 16.07 23.66 -1.22
CA SER A 478 17.52 23.53 -1.26
C SER A 478 18.03 23.28 -2.68
N ALA A 479 17.19 23.60 -3.67
CA ALA A 479 17.53 23.35 -5.07
C ALA A 479 18.28 24.54 -5.67
N ASN A 480 18.99 24.28 -6.77
CA ASN A 480 19.75 25.30 -7.45
C ASN A 480 19.10 25.66 -8.79
N ILE A 481 19.00 26.96 -9.05
CA ILE A 481 18.41 27.45 -10.29
C ILE A 481 19.50 27.73 -11.32
N ILE A 482 19.36 27.13 -12.49
CA ILE A 482 20.31 27.30 -13.58
C ILE A 482 19.60 27.56 -14.90
N MET B 1 25.30 -15.89 20.08
CA MET B 1 26.24 -14.74 20.03
C MET B 1 25.70 -13.63 19.14
N GLU B 2 26.30 -13.44 17.97
CA GLU B 2 25.93 -12.36 17.06
C GLU B 2 25.71 -12.93 15.66
N ASN B 3 24.88 -12.24 14.87
CA ASN B 3 24.48 -12.74 13.56
C ASN B 3 25.66 -12.85 12.60
N LYS B 4 26.08 -14.09 12.34
CA LYS B 4 27.23 -14.40 11.48
C LYS B 4 26.88 -14.56 10.00
N ILE B 5 25.75 -14.01 9.58
CA ILE B 5 25.37 -13.99 8.17
C ILE B 5 25.41 -12.54 7.73
N GLU B 6 26.63 -12.05 7.51
CA GLU B 6 26.86 -10.66 7.11
C GLU B 6 26.48 -10.45 5.65
N VAL B 7 25.27 -9.96 5.43
CA VAL B 7 24.78 -9.66 4.09
C VAL B 7 23.83 -8.47 4.10
N ASN B 8 23.97 -7.60 3.11
CA ASN B 8 23.05 -6.48 2.90
C ASN B 8 22.62 -6.39 1.45
N SER B 9 23.31 -7.14 0.59
CA SER B 9 23.04 -7.14 -0.84
C SER B 9 23.16 -8.55 -1.42
N LYS B 10 22.49 -8.76 -2.55
CA LYS B 10 22.51 -10.04 -3.25
C LYS B 10 23.96 -10.46 -3.55
N ASP B 11 24.80 -9.46 -3.81
CA ASP B 11 26.20 -9.68 -4.11
C ASP B 11 26.90 -10.41 -2.97
N GLU B 12 26.79 -9.85 -1.77
CA GLU B 12 27.35 -10.49 -0.58
C GLU B 12 26.73 -11.87 -0.37
N MET B 13 25.41 -11.93 -0.47
CA MET B 13 24.65 -13.17 -0.33
C MET B 13 25.19 -14.32 -1.17
N ASN B 14 25.22 -14.14 -2.49
CA ASN B 14 25.65 -15.21 -3.38
C ASN B 14 27.03 -15.74 -3.01
N LYS B 15 27.95 -14.82 -2.71
CA LYS B 15 29.29 -15.19 -2.26
C LYS B 15 29.21 -16.00 -0.97
N TRP B 16 28.48 -15.49 0.01
CA TRP B 16 28.31 -16.21 1.27
C TRP B 16 27.79 -17.63 1.03
N PHE B 17 26.81 -17.76 0.15
CA PHE B 17 26.20 -19.05 -0.13
C PHE B 17 27.20 -19.98 -0.80
N GLU B 18 27.90 -19.47 -1.81
CA GLU B 18 28.95 -20.25 -2.47
C GLU B 18 30.03 -20.65 -1.46
N GLU B 19 30.30 -19.77 -0.51
CA GLU B 19 31.27 -20.05 0.54
C GLU B 19 30.77 -21.18 1.45
N PHE B 20 29.51 -21.08 1.86
CA PHE B 20 28.91 -22.10 2.73
C PHE B 20 28.79 -23.45 2.02
N LYS B 21 28.42 -23.40 0.75
CA LYS B 21 28.10 -24.60 -0.02
C LYS B 21 29.28 -25.55 -0.19
N LYS B 22 30.46 -25.00 -0.48
CA LYS B 22 31.63 -25.83 -0.77
C LYS B 22 32.08 -26.63 0.45
N GLY B 23 31.98 -26.01 1.63
CA GLY B 23 32.43 -26.63 2.86
C GLY B 23 31.48 -27.66 3.41
N ASN B 24 30.22 -27.59 2.98
CA ASN B 24 29.18 -28.47 3.51
C ASN B 24 28.71 -29.51 2.50
N GLY B 25 28.69 -29.12 1.23
CA GLY B 25 28.36 -30.05 0.15
C GLY B 25 26.87 -30.21 -0.08
N LEU B 26 26.17 -29.08 -0.14
CA LEU B 26 24.72 -29.08 -0.37
C LEU B 26 24.38 -29.69 -1.72
N VAL B 27 23.13 -30.10 -1.88
CA VAL B 27 22.64 -30.65 -3.14
C VAL B 27 21.22 -30.16 -3.39
N ASP B 28 20.81 -30.20 -4.66
CA ASP B 28 19.46 -29.85 -5.05
C ASP B 28 18.88 -30.95 -5.95
N THR B 29 19.44 -32.15 -5.83
CA THR B 29 18.97 -33.31 -6.58
C THR B 29 17.49 -33.56 -6.32
N TYR B 30 17.09 -33.43 -5.06
CA TYR B 30 15.74 -33.73 -4.64
C TYR B 30 14.96 -32.50 -4.21
N THR B 31 15.61 -31.34 -4.26
CA THR B 31 15.02 -30.10 -3.74
C THR B 31 15.12 -28.95 -4.74
N ASN B 32 14.13 -28.06 -4.68
CA ASN B 32 14.07 -26.90 -5.57
C ASN B 32 15.20 -25.92 -5.30
N SER B 33 15.64 -25.86 -4.04
CA SER B 33 16.79 -25.05 -3.65
C SER B 33 17.82 -25.96 -2.99
N TYR B 34 19.09 -25.58 -3.03
CA TYR B 34 20.14 -26.42 -2.47
C TYR B 34 19.91 -26.67 -0.98
N SER B 35 20.16 -27.89 -0.55
CA SER B 35 19.86 -28.33 0.80
C SER B 35 20.69 -29.53 1.20
N PHE B 36 20.45 -30.06 2.39
CA PHE B 36 21.15 -31.25 2.87
C PHE B 36 20.42 -32.52 2.49
N CYS B 37 19.26 -32.38 1.85
CA CYS B 37 18.47 -33.54 1.48
C CYS B 37 19.16 -34.33 0.38
N GLU B 38 19.75 -35.46 0.75
CA GLU B 38 20.48 -36.31 -0.17
C GLU B 38 19.70 -37.61 -0.45
N SER B 39 18.57 -37.76 0.23
CA SER B 39 17.70 -38.91 0.05
C SER B 39 16.28 -38.54 0.44
N VAL B 40 15.30 -38.95 -0.37
CA VAL B 40 13.91 -38.66 -0.09
C VAL B 40 13.53 -39.31 1.25
N PRO B 41 12.95 -38.53 2.19
CA PRO B 41 12.66 -39.08 3.51
C PRO B 41 11.73 -40.29 3.49
N ASN B 42 12.12 -41.37 4.16
CA ASN B 42 11.31 -42.57 4.27
C ASN B 42 10.54 -42.61 5.59
N LEU B 43 9.24 -42.40 5.53
CA LEU B 43 8.41 -42.29 6.72
C LEU B 43 7.56 -43.54 6.96
N ASP B 44 7.94 -44.65 6.34
CA ASP B 44 7.17 -45.88 6.40
C ASP B 44 6.88 -46.35 7.82
N ARG B 45 7.93 -46.51 8.62
CA ARG B 45 7.81 -47.12 9.95
C ARG B 45 6.80 -46.40 10.84
N PHE B 46 6.70 -45.09 10.68
CA PHE B 46 5.79 -44.28 11.51
C PHE B 46 4.33 -44.70 11.34
N VAL B 47 3.99 -45.25 10.17
CA VAL B 47 2.64 -45.74 9.96
C VAL B 47 2.39 -46.92 10.88
N PHE B 48 3.23 -47.94 10.76
CA PHE B 48 3.12 -49.14 11.60
C PHE B 48 3.21 -48.78 13.08
N GLN B 49 4.04 -47.79 13.38
CA GLN B 49 4.12 -47.27 14.74
C GLN B 49 2.77 -46.69 15.13
N MET B 50 2.18 -45.92 14.23
CA MET B 50 0.90 -45.28 14.49
C MET B 50 -0.21 -46.32 14.62
N ALA B 51 -0.12 -47.38 13.85
CA ALA B 51 -1.08 -48.47 13.92
C ALA B 51 -0.98 -49.16 15.26
N GLY B 52 0.24 -49.51 15.66
CA GLY B 52 0.45 -50.19 16.92
C GLY B 52 0.18 -49.33 18.14
N ALA B 53 0.29 -48.01 17.97
CA ALA B 53 0.05 -47.08 19.07
C ALA B 53 -1.40 -47.14 19.56
N THR B 54 -1.59 -46.83 20.85
CA THR B 54 -2.91 -46.86 21.47
C THR B 54 -3.27 -45.49 22.03
N ASP B 55 -2.49 -45.03 23.00
CA ASP B 55 -2.73 -43.72 23.63
C ASP B 55 -2.44 -42.59 22.65
N ASP B 56 -3.06 -41.43 22.89
CA ASP B 56 -2.96 -40.30 21.97
C ASP B 56 -1.61 -39.59 22.03
N ALA B 57 -1.05 -39.46 23.23
CA ALA B 57 0.25 -38.81 23.41
C ALA B 57 1.30 -39.44 22.50
N GLN B 58 1.31 -40.76 22.46
CA GLN B 58 2.25 -41.50 21.65
C GLN B 58 2.00 -41.26 20.16
N LYS B 59 0.73 -41.12 19.80
CA LYS B 59 0.35 -40.85 18.42
C LYS B 59 0.85 -39.47 18.00
N ASP B 60 0.58 -38.48 18.84
CA ASP B 60 1.06 -37.12 18.61
C ASP B 60 2.58 -37.10 18.48
N SER B 61 3.24 -37.77 19.43
CA SER B 61 4.69 -37.94 19.38
C SER B 61 5.14 -38.51 18.04
N ILE B 62 4.54 -39.62 17.65
CA ILE B 62 4.86 -40.27 16.38
C ILE B 62 4.72 -39.31 15.21
N TYR B 63 3.57 -38.63 15.13
CA TYR B 63 3.35 -37.66 14.07
C TYR B 63 4.45 -36.60 14.05
N ALA B 64 4.66 -35.95 15.20
CA ALA B 64 5.71 -34.95 15.34
C ALA B 64 7.05 -35.47 14.82
N SER B 65 7.42 -36.66 15.29
CA SER B 65 8.68 -37.27 14.89
C SER B 65 8.75 -37.46 13.38
N ALA B 66 7.70 -38.04 12.81
CA ALA B 66 7.60 -38.21 11.36
C ALA B 66 7.82 -36.89 10.63
N LEU B 67 7.05 -35.88 11.01
CA LEU B 67 7.14 -34.57 10.37
C LEU B 67 8.54 -33.98 10.46
N VAL B 68 9.13 -34.06 11.66
CA VAL B 68 10.52 -33.61 11.82
C VAL B 68 11.41 -34.35 10.85
N GLU B 69 11.37 -35.69 10.86
CA GLU B 69 12.20 -36.48 9.97
C GLU B 69 12.01 -36.05 8.52
N ALA B 70 10.77 -35.78 8.13
CA ALA B 70 10.48 -35.28 6.80
C ALA B 70 11.20 -33.96 6.53
N THR B 71 10.99 -32.97 7.39
CA THR B 71 11.50 -31.61 7.15
C THR B 71 12.94 -31.37 7.59
N LYS B 72 13.58 -32.38 8.17
CA LYS B 72 14.84 -32.18 8.87
C LYS B 72 15.97 -31.62 7.99
N PHE B 73 16.17 -32.20 6.81
CA PHE B 73 17.34 -31.90 5.99
C PHE B 73 17.03 -31.21 4.66
N CYS B 74 15.74 -30.95 4.41
CA CYS B 74 15.32 -30.43 3.12
C CYS B 74 14.88 -28.97 3.23
N ALA B 75 15.72 -28.14 3.86
CA ALA B 75 15.44 -26.72 3.99
C ALA B 75 16.13 -25.93 2.88
N PRO B 76 15.45 -24.91 2.33
CA PRO B 76 16.07 -24.09 1.27
C PRO B 76 17.12 -23.14 1.84
N ILE B 77 18.38 -23.55 1.76
CA ILE B 77 19.46 -22.88 2.47
C ILE B 77 19.67 -21.43 2.03
N TYR B 78 19.71 -21.20 0.72
CA TYR B 78 19.93 -19.87 0.18
C TYR B 78 18.88 -18.88 0.72
N GLU B 79 17.62 -19.18 0.46
CA GLU B 79 16.52 -18.30 0.85
C GLU B 79 16.44 -18.16 2.36
N CYS B 80 16.55 -19.28 3.07
CA CYS B 80 16.53 -19.27 4.53
C CYS B 80 17.63 -18.38 5.07
N ALA B 81 18.80 -18.48 4.48
CA ALA B 81 19.93 -17.63 4.87
C ALA B 81 19.61 -16.16 4.61
N TRP B 82 19.17 -15.86 3.39
CA TRP B 82 18.78 -14.49 3.04
C TRP B 82 17.72 -13.95 3.99
N ALA B 83 16.78 -14.81 4.38
CA ALA B 83 15.66 -14.41 5.22
C ALA B 83 16.12 -13.95 6.61
N SER B 84 17.23 -14.50 7.07
CA SER B 84 17.77 -14.16 8.38
C SER B 84 19.08 -13.38 8.23
N SER B 85 19.31 -12.85 7.04
CA SER B 85 20.50 -12.05 6.77
C SER B 85 20.44 -10.72 7.52
N THR B 86 21.58 -10.34 8.10
CA THR B 86 21.69 -9.10 8.89
C THR B 86 20.97 -7.92 8.25
N GLY B 87 21.18 -7.72 6.96
CA GLY B 87 20.51 -6.69 6.20
C GLY B 87 19.00 -6.80 6.30
N ILE B 88 18.46 -7.92 5.82
CA ILE B 88 17.02 -8.14 5.81
C ILE B 88 16.46 -8.14 7.24
N VAL B 89 17.25 -8.60 8.20
CA VAL B 89 16.84 -8.52 9.60
C VAL B 89 16.67 -7.06 10.01
N LYS B 90 17.72 -6.26 9.85
CA LYS B 90 17.65 -4.83 10.18
C LYS B 90 16.50 -4.13 9.46
N LYS B 91 16.46 -4.24 8.13
CA LYS B 91 15.42 -3.58 7.35
C LYS B 91 14.03 -4.09 7.73
N GLY B 92 13.93 -5.40 7.91
CA GLY B 92 12.67 -6.04 8.22
C GLY B 92 12.13 -5.62 9.57
N LEU B 93 13.01 -5.53 10.57
CA LEU B 93 12.62 -5.11 11.90
C LEU B 93 12.36 -3.60 11.93
N GLU B 94 13.22 -2.86 11.24
CA GLU B 94 13.11 -1.42 11.09
C GLU B 94 11.76 -1.01 10.51
N TRP B 95 11.41 -1.62 9.37
CA TRP B 95 10.21 -1.28 8.62
C TRP B 95 8.96 -1.11 9.48
N PHE B 96 8.87 -1.89 10.56
CA PHE B 96 7.69 -1.89 11.40
C PHE B 96 7.59 -0.59 12.21
N GLU B 97 8.73 -0.06 12.61
CA GLU B 97 8.77 1.21 13.32
C GLU B 97 8.35 2.34 12.39
N LYS B 98 8.87 2.32 11.16
CA LYS B 98 8.61 3.37 10.18
C LYS B 98 7.23 3.29 9.53
N ASN B 99 6.46 2.24 9.85
CA ASN B 99 5.17 2.01 9.19
C ASN B 99 4.08 1.49 10.13
N THR B 100 4.14 1.86 11.40
CA THR B 100 3.16 1.42 12.39
C THR B 100 1.74 1.86 11.99
N GLY B 101 1.64 2.99 11.30
CA GLY B 101 0.36 3.54 10.92
C GLY B 101 -0.44 2.67 9.97
N THR B 102 0.19 2.23 8.88
CA THR B 102 -0.51 1.47 7.85
C THR B 102 -1.07 0.15 8.37
N ILE B 103 -0.49 -0.35 9.46
CA ILE B 103 -0.86 -1.67 9.98
C ILE B 103 -1.69 -1.58 11.27
N LYS B 104 -2.03 -0.37 11.68
CA LYS B 104 -2.79 -0.15 12.91
C LYS B 104 -4.07 -0.99 12.95
N SER B 105 -4.64 -1.23 11.78
CA SER B 105 -5.90 -1.95 11.64
C SER B 105 -5.92 -3.28 12.39
N TRP B 106 -4.82 -4.02 12.29
CA TRP B 106 -4.70 -5.32 12.96
C TRP B 106 -3.63 -5.31 14.05
N ASP B 107 -2.60 -4.51 13.87
CA ASP B 107 -1.52 -4.41 14.85
C ASP B 107 -2.03 -4.01 16.23
N GLU B 108 -2.67 -2.85 16.32
CA GLU B 108 -3.14 -2.33 17.60
C GLU B 108 -4.42 -3.04 18.06
N SER B 109 -5.05 -3.76 17.15
CA SER B 109 -6.25 -4.54 17.47
C SER B 109 -5.89 -5.98 17.82
N TYR B 110 -4.62 -6.20 18.16
CA TYR B 110 -4.09 -7.55 18.38
C TYR B 110 -4.81 -8.35 19.46
N ILE B 111 -4.88 -7.80 20.67
CA ILE B 111 -5.36 -8.55 21.83
C ILE B 111 -6.78 -9.07 21.64
N GLU B 112 -7.60 -8.36 20.87
CA GLU B 112 -8.96 -8.80 20.59
C GLU B 112 -9.01 -9.91 19.55
N LEU B 113 -8.13 -9.84 18.56
CA LEU B 113 -8.12 -10.80 17.46
C LEU B 113 -7.67 -12.19 17.92
N LYS B 114 -7.06 -12.26 19.09
CA LYS B 114 -6.66 -13.54 19.68
C LYS B 114 -7.87 -14.45 19.89
N VAL B 115 -9.01 -13.86 20.20
CA VAL B 115 -10.23 -14.62 20.49
C VAL B 115 -11.26 -14.51 19.38
N GLU B 116 -11.42 -13.31 18.85
CA GLU B 116 -12.51 -13.02 17.91
C GLU B 116 -12.13 -13.22 16.45
N VAL B 117 -13.15 -13.33 15.61
CA VAL B 117 -12.98 -13.48 14.17
C VAL B 117 -12.64 -12.13 13.53
N PRO B 118 -11.59 -12.09 12.68
CA PRO B 118 -11.24 -10.83 12.01
C PRO B 118 -12.25 -10.42 10.95
N LYS B 119 -12.30 -9.11 10.66
CA LYS B 119 -13.13 -8.57 9.60
C LYS B 119 -12.31 -8.42 8.32
N ILE B 120 -12.99 -8.45 7.18
CA ILE B 120 -12.35 -8.52 5.87
C ILE B 120 -11.27 -7.45 5.66
N GLU B 121 -11.53 -6.23 6.12
CA GLU B 121 -10.60 -5.13 5.90
C GLU B 121 -9.30 -5.36 6.66
N GLN B 122 -9.38 -6.10 7.75
CA GLN B 122 -8.18 -6.43 8.53
C GLN B 122 -7.30 -7.39 7.74
N LEU B 123 -7.93 -8.39 7.13
CA LEU B 123 -7.22 -9.34 6.28
C LEU B 123 -6.60 -8.61 5.10
N PHE B 124 -7.42 -7.81 4.41
CA PHE B 124 -6.93 -7.02 3.30
C PHE B 124 -5.74 -6.16 3.72
N ASN B 125 -5.91 -5.40 4.80
CA ASN B 125 -4.86 -4.56 5.34
C ASN B 125 -3.59 -5.36 5.60
N TYR B 126 -3.75 -6.52 6.24
CA TYR B 126 -2.62 -7.41 6.49
C TYR B 126 -1.90 -7.75 5.20
N GLN B 127 -2.64 -8.27 4.22
CA GLN B 127 -2.04 -8.67 2.95
C GLN B 127 -1.34 -7.51 2.26
N GLN B 128 -2.00 -6.36 2.20
CA GLN B 128 -1.41 -5.17 1.60
C GLN B 128 -0.10 -4.80 2.31
N ALA B 129 -0.17 -4.74 3.63
CA ALA B 129 0.98 -4.45 4.46
C ALA B 129 2.13 -5.41 4.19
N ALA B 130 1.80 -6.70 4.04
CA ALA B 130 2.81 -7.70 3.69
C ALA B 130 3.44 -7.41 2.34
N LEU B 131 2.60 -7.22 1.32
CA LEU B 131 3.09 -6.96 -0.02
C LEU B 131 3.97 -5.72 -0.07
N LYS B 132 3.60 -4.66 0.66
CA LYS B 132 4.46 -3.50 0.76
C LYS B 132 5.75 -3.84 1.49
N TRP B 133 5.62 -4.50 2.64
CA TRP B 133 6.77 -4.94 3.43
C TRP B 133 7.82 -5.61 2.55
N ARG B 134 7.37 -6.54 1.71
CA ARG B 134 8.30 -7.19 0.78
C ARG B 134 9.04 -6.17 -0.10
N LYS B 135 8.30 -5.25 -0.71
CA LYS B 135 8.89 -4.23 -1.57
C LYS B 135 9.86 -3.31 -0.84
N ASP B 136 9.45 -2.80 0.32
CA ASP B 136 10.17 -1.72 0.98
C ASP B 136 11.58 -2.11 1.44
N ILE B 137 11.79 -3.38 1.74
CA ILE B 137 13.10 -3.84 2.20
C ILE B 137 13.83 -4.63 1.12
N GLY B 138 13.32 -4.54 -0.11
CA GLY B 138 13.91 -5.25 -1.23
C GLY B 138 14.15 -6.72 -0.92
N PHE B 139 13.09 -7.41 -0.56
CA PHE B 139 13.21 -8.80 -0.12
C PHE B 139 13.50 -9.76 -1.26
N ARG B 140 12.90 -9.51 -2.42
CA ARG B 140 13.04 -10.43 -3.55
C ARG B 140 14.48 -10.49 -4.03
N VAL B 141 15.02 -11.71 -4.11
CA VAL B 141 16.34 -11.94 -4.67
C VAL B 141 16.23 -12.88 -5.87
N ASN B 142 15.20 -13.72 -5.86
CA ASN B 142 14.93 -14.63 -6.96
C ASN B 142 13.46 -15.01 -6.96
N ALA B 143 13.10 -16.01 -7.75
CA ALA B 143 11.73 -16.48 -7.84
C ALA B 143 11.24 -17.06 -6.51
N ASN B 144 12.12 -17.80 -5.83
CA ASN B 144 11.76 -18.46 -4.58
C ASN B 144 11.47 -17.48 -3.43
N THR B 145 11.70 -16.19 -3.68
CA THR B 145 11.39 -15.15 -2.70
C THR B 145 10.47 -14.07 -3.28
N ALA B 146 9.77 -14.42 -4.36
CA ALA B 146 8.90 -13.48 -5.05
C ALA B 146 7.47 -13.53 -4.50
N ALA B 147 6.63 -12.61 -5.00
CA ALA B 147 5.20 -12.62 -4.69
C ALA B 147 4.43 -13.06 -5.94
N LEU B 148 3.75 -14.19 -5.84
CA LEU B 148 3.07 -14.80 -6.99
C LEU B 148 1.76 -14.11 -7.32
N SER B 149 1.61 -13.70 -8.58
CA SER B 149 0.38 -13.11 -9.09
C SER B 149 -0.26 -13.98 -10.17
N ASN B 150 0.25 -15.20 -10.32
CA ASN B 150 -0.16 -16.08 -11.41
C ASN B 150 -1.51 -16.73 -11.12
N LYS B 151 -1.70 -17.96 -11.58
CA LYS B 151 -2.97 -18.66 -11.41
C LYS B 151 -2.68 -20.10 -10.99
N VAL B 152 -3.59 -20.68 -10.21
CA VAL B 152 -3.39 -22.04 -9.71
C VAL B 152 -3.42 -23.03 -10.86
N LEU B 153 -2.58 -24.06 -10.76
CA LEU B 153 -2.49 -25.08 -11.79
C LEU B 153 -3.66 -26.05 -11.71
N ALA B 154 -4.16 -26.43 -12.88
CA ALA B 154 -5.27 -27.37 -12.99
C ALA B 154 -4.77 -28.81 -13.21
N GLU B 155 -3.51 -28.94 -13.63
CA GLU B 155 -2.95 -30.27 -13.89
C GLU B 155 -1.72 -30.51 -13.01
N TYR B 156 -1.82 -31.53 -12.16
CA TYR B 156 -0.77 -31.86 -11.19
C TYR B 156 -0.35 -33.32 -11.29
N LYS B 157 0.87 -33.57 -11.79
CA LYS B 157 1.34 -34.95 -11.96
C LYS B 157 1.96 -35.54 -10.70
N VAL B 158 1.41 -36.68 -10.29
CA VAL B 158 1.98 -37.48 -9.21
C VAL B 158 2.02 -38.93 -9.67
N PRO B 159 2.93 -39.73 -9.12
CA PRO B 159 2.96 -41.15 -9.46
C PRO B 159 1.61 -41.83 -9.20
N GLY B 160 1.26 -42.82 -10.01
CA GLY B 160 0.01 -43.53 -9.87
C GLY B 160 -0.17 -44.02 -8.44
N GLU B 161 0.91 -44.56 -7.91
CA GLU B 161 0.92 -45.23 -6.61
C GLU B 161 0.31 -44.40 -5.46
N ILE B 162 0.19 -43.09 -5.66
CA ILE B 162 -0.35 -42.20 -4.62
C ILE B 162 -1.53 -41.38 -5.10
N VAL B 163 -1.95 -41.56 -6.35
CA VAL B 163 -3.05 -40.77 -6.92
C VAL B 163 -4.29 -40.84 -6.03
N MET B 164 -4.80 -42.06 -5.83
CA MET B 164 -5.98 -42.27 -5.01
C MET B 164 -5.88 -41.58 -3.66
N SER B 165 -4.66 -41.52 -3.13
CA SER B 165 -4.43 -40.88 -1.83
C SER B 165 -4.57 -39.38 -1.94
N VAL B 166 -4.24 -38.82 -3.10
CA VAL B 166 -4.34 -37.38 -3.29
C VAL B 166 -5.79 -36.96 -3.50
N LYS B 167 -6.44 -37.60 -4.48
CA LYS B 167 -7.83 -37.30 -4.76
C LYS B 167 -8.68 -37.46 -3.51
N GLU B 168 -8.32 -38.43 -2.68
CA GLU B 168 -8.95 -38.59 -1.38
C GLU B 168 -8.78 -37.33 -0.53
N MET B 169 -7.58 -36.74 -0.58
CA MET B 169 -7.33 -35.56 0.23
C MET B 169 -8.23 -34.43 -0.26
N LEU B 170 -8.12 -34.14 -1.55
CA LEU B 170 -8.94 -33.11 -2.18
C LEU B 170 -10.41 -33.32 -1.86
N SER B 171 -10.88 -34.55 -2.02
CA SER B 171 -12.26 -34.92 -1.70
C SER B 171 -12.62 -34.51 -0.28
N ASP B 172 -11.63 -34.53 0.62
CA ASP B 172 -11.87 -34.15 2.00
C ASP B 172 -11.71 -32.65 2.15
N MET B 173 -10.98 -32.04 1.20
CA MET B 173 -10.79 -30.60 1.24
C MET B 173 -12.07 -29.94 0.72
N ILE B 174 -12.49 -30.40 -0.45
CA ILE B 174 -13.75 -29.98 -1.05
C ILE B 174 -14.88 -30.05 -0.03
N ARG B 175 -14.98 -31.17 0.68
CA ARG B 175 -15.99 -31.33 1.73
C ARG B 175 -15.90 -30.20 2.74
N ARG B 176 -14.70 -29.74 3.04
CA ARG B 176 -14.52 -28.73 4.07
C ARG B 176 -15.01 -27.40 3.52
N ARG B 177 -14.60 -27.10 2.29
CA ARG B 177 -15.02 -25.87 1.65
C ARG B 177 -16.55 -25.80 1.55
N ASN B 178 -17.22 -26.94 1.49
CA ASN B 178 -18.67 -26.93 1.39
C ASN B 178 -19.29 -26.47 2.71
N LEU B 179 -18.48 -26.53 3.77
CA LEU B 179 -18.93 -26.03 5.07
C LEU B 179 -18.97 -24.51 5.03
N ILE B 180 -18.46 -23.92 3.95
CA ILE B 180 -18.65 -22.49 3.74
C ILE B 180 -20.15 -22.19 3.64
N LEU B 181 -20.93 -23.16 3.15
CA LEU B 181 -22.32 -22.86 2.81
C LEU B 181 -23.26 -22.64 3.99
N ASN B 182 -22.84 -23.02 5.19
CA ASN B 182 -23.65 -22.81 6.39
C ASN B 182 -22.80 -22.37 7.57
N PRO B 192 -26.98 -24.87 0.81
CA PRO B 192 -26.61 -25.44 -0.50
C PRO B 192 -27.59 -25.09 -1.61
N VAL B 193 -27.15 -24.23 -2.52
CA VAL B 193 -27.95 -23.84 -3.68
C VAL B 193 -27.61 -24.73 -4.88
N SER B 194 -28.64 -25.08 -5.65
CA SER B 194 -28.50 -26.02 -6.75
C SER B 194 -27.43 -25.60 -7.76
N HIS B 195 -26.92 -26.57 -8.52
CA HIS B 195 -25.82 -26.36 -9.45
C HIS B 195 -26.26 -25.74 -10.77
N GLU B 196 -27.45 -26.10 -11.25
CA GLU B 196 -27.96 -25.62 -12.53
C GLU B 196 -27.89 -24.09 -12.62
N HIS B 197 -28.18 -23.44 -11.51
CA HIS B 197 -28.10 -21.99 -11.40
C HIS B 197 -26.69 -21.49 -11.72
N VAL B 198 -25.69 -22.21 -11.19
CA VAL B 198 -24.30 -21.85 -11.40
C VAL B 198 -23.92 -21.96 -12.87
N GLU B 199 -24.31 -23.06 -13.50
CA GLU B 199 -24.09 -23.24 -14.93
C GLU B 199 -24.76 -22.10 -15.69
N TRP B 200 -26.03 -21.85 -15.35
CA TRP B 200 -26.81 -20.75 -15.92
C TRP B 200 -26.04 -19.44 -15.88
N CYS B 201 -25.58 -19.06 -14.69
CA CYS B 201 -24.82 -17.82 -14.53
C CYS B 201 -23.54 -17.86 -15.36
N ARG B 202 -22.78 -18.93 -15.21
CA ARG B 202 -21.51 -19.08 -15.93
C ARG B 202 -21.68 -18.85 -17.42
N GLU B 203 -22.71 -19.46 -18.01
CA GLU B 203 -22.97 -19.27 -19.43
C GLU B 203 -23.63 -17.92 -19.70
N PHE B 204 -24.41 -17.43 -18.74
CA PHE B 204 -25.08 -16.15 -18.86
C PHE B 204 -24.12 -14.97 -18.99
N VAL B 205 -23.17 -14.88 -18.05
CA VAL B 205 -22.27 -13.74 -17.97
C VAL B 205 -21.42 -13.56 -19.23
N LYS B 206 -21.15 -14.66 -19.93
CA LYS B 206 -20.26 -14.64 -21.10
C LYS B 206 -20.73 -13.70 -22.21
N GLY B 207 -21.99 -13.29 -22.16
CA GLY B 207 -22.52 -12.29 -23.09
C GLY B 207 -23.75 -12.85 -23.78
N LYS B 208 -24.76 -13.17 -22.98
CA LYS B 208 -25.99 -13.77 -23.50
C LYS B 208 -27.19 -13.26 -22.71
N TYR B 209 -27.57 -12.02 -22.98
CA TYR B 209 -28.61 -11.34 -22.21
C TYR B 209 -29.97 -11.99 -22.45
N ILE B 210 -30.14 -12.58 -23.63
CA ILE B 210 -31.43 -13.15 -24.04
C ILE B 210 -31.95 -14.11 -22.98
N MET B 211 -31.02 -14.81 -22.33
CA MET B 211 -31.35 -15.78 -21.29
C MET B 211 -32.26 -15.17 -20.24
N ALA B 212 -32.06 -13.89 -19.97
CA ALA B 212 -32.84 -13.17 -18.96
C ALA B 212 -34.33 -13.25 -19.22
N PHE B 213 -34.71 -13.31 -20.50
CA PHE B 213 -36.12 -13.36 -20.86
C PHE B 213 -36.78 -14.66 -20.44
N ASN B 214 -36.01 -15.76 -20.44
CA ASN B 214 -36.56 -17.07 -20.14
C ASN B 214 -35.63 -17.97 -19.32
N PRO B 215 -35.57 -17.73 -18.01
CA PRO B 215 -34.79 -18.61 -17.13
C PRO B 215 -35.43 -20.01 -17.06
N PRO B 216 -34.62 -21.08 -17.12
CA PRO B 216 -35.22 -22.42 -17.15
C PRO B 216 -35.97 -22.75 -15.85
N TRP B 217 -35.46 -22.25 -14.73
CA TRP B 217 -36.10 -22.49 -13.44
C TRP B 217 -37.47 -21.83 -13.36
N GLY B 218 -37.63 -20.71 -14.05
CA GLY B 218 -38.89 -19.97 -14.05
C GLY B 218 -38.69 -18.52 -14.43
N ASP B 219 -38.86 -17.64 -13.45
CA ASP B 219 -38.68 -16.20 -13.65
C ASP B 219 -37.37 -15.74 -13.03
N ILE B 220 -36.86 -14.62 -13.53
CA ILE B 220 -35.57 -14.07 -13.12
C ILE B 220 -35.48 -13.82 -11.61
N ASN B 221 -36.63 -13.61 -10.97
CA ASN B 221 -36.68 -13.20 -9.58
C ASN B 221 -36.95 -14.34 -8.60
N LYS B 222 -37.10 -15.55 -9.11
CA LYS B 222 -37.37 -16.73 -8.28
C LYS B 222 -36.30 -16.85 -7.18
N SER B 223 -36.76 -17.11 -5.95
CA SER B 223 -35.88 -17.18 -4.79
C SER B 223 -35.61 -18.60 -4.29
N GLY B 224 -34.51 -18.76 -3.56
CA GLY B 224 -34.09 -20.05 -3.03
C GLY B 224 -34.27 -20.24 -1.54
N ARG B 225 -33.20 -20.71 -0.89
CA ARG B 225 -33.18 -20.98 0.55
C ARG B 225 -31.80 -20.66 1.13
N SER B 226 -31.59 -19.50 1.77
CA SER B 226 -32.61 -18.52 2.11
C SER B 226 -33.28 -17.91 0.87
N GLY B 227 -34.50 -17.41 1.06
CA GLY B 227 -35.30 -16.90 -0.03
C GLY B 227 -34.78 -15.60 -0.61
N ILE B 228 -33.58 -15.69 -1.16
CA ILE B 228 -32.91 -14.57 -1.81
C ILE B 228 -32.82 -14.86 -3.31
N ALA B 229 -32.71 -13.80 -4.12
CA ALA B 229 -32.66 -13.93 -5.58
C ALA B 229 -31.67 -14.98 -6.04
N LEU B 230 -32.13 -15.88 -6.92
CA LEU B 230 -31.29 -16.96 -7.42
C LEU B 230 -30.10 -16.40 -8.21
N VAL B 231 -30.35 -15.32 -8.94
CA VAL B 231 -29.32 -14.63 -9.69
C VAL B 231 -28.16 -14.23 -8.77
N ALA B 232 -28.53 -13.58 -7.67
CA ALA B 232 -27.57 -13.10 -6.68
C ALA B 232 -26.71 -14.24 -6.13
N THR B 233 -27.36 -15.31 -5.68
CA THR B 233 -26.63 -16.46 -5.16
C THR B 233 -25.75 -17.08 -6.23
N GLY B 234 -26.27 -17.14 -7.46
CA GLY B 234 -25.51 -17.68 -8.57
C GLY B 234 -24.24 -16.90 -8.85
N LEU B 235 -24.37 -15.61 -9.10
CA LEU B 235 -23.19 -14.76 -9.30
C LEU B 235 -22.25 -14.82 -8.10
N ALA B 236 -22.83 -14.68 -6.91
CA ALA B 236 -22.07 -14.77 -5.67
C ALA B 236 -21.21 -16.02 -5.65
N LYS B 237 -21.83 -17.16 -6.00
CA LYS B 237 -21.11 -18.42 -6.07
C LYS B 237 -20.01 -18.35 -7.14
N LEU B 238 -20.37 -17.93 -8.35
CA LEU B 238 -19.42 -17.86 -9.46
C LEU B 238 -18.18 -17.02 -9.15
N ALA B 239 -18.39 -15.89 -8.48
CA ALA B 239 -17.26 -15.01 -8.13
C ALA B 239 -16.20 -15.76 -7.34
N GLU B 240 -16.63 -16.53 -6.34
CA GLU B 240 -15.71 -17.36 -5.56
C GLU B 240 -14.86 -18.25 -6.45
N THR B 241 -15.53 -18.98 -7.35
CA THR B 241 -14.87 -19.97 -8.19
C THR B 241 -14.08 -19.34 -9.34
N GLU B 242 -14.49 -18.14 -9.76
CA GLU B 242 -13.84 -17.46 -10.89
C GLU B 242 -13.64 -15.97 -10.64
N GLY B 243 -13.03 -15.65 -9.51
CA GLY B 243 -12.51 -14.32 -9.25
C GLY B 243 -13.55 -13.22 -9.04
N LYS B 244 -13.05 -12.02 -8.74
CA LYS B 244 -13.90 -10.87 -8.45
C LYS B 244 -14.54 -10.28 -9.70
N GLY B 245 -13.91 -10.51 -10.85
CA GLY B 245 -14.27 -9.88 -12.10
C GLY B 245 -15.72 -10.04 -12.55
N VAL B 246 -16.34 -11.14 -12.17
CA VAL B 246 -17.68 -11.50 -12.65
C VAL B 246 -18.71 -10.39 -12.44
N PHE B 247 -18.56 -9.62 -11.37
CA PHE B 247 -19.53 -8.57 -11.07
C PHE B 247 -19.49 -7.44 -12.08
N ASP B 248 -18.39 -7.34 -12.82
CA ASP B 248 -18.29 -6.38 -13.91
C ASP B 248 -18.74 -7.00 -15.22
N GLU B 249 -18.24 -8.20 -15.52
CA GLU B 249 -18.60 -8.92 -16.72
C GLU B 249 -20.08 -9.25 -16.78
N ALA B 250 -20.72 -9.33 -15.62
CA ALA B 250 -22.16 -9.56 -15.54
C ALA B 250 -22.95 -8.25 -15.70
N LYS B 251 -22.69 -7.31 -14.79
CA LYS B 251 -23.22 -5.95 -14.89
C LYS B 251 -23.09 -5.40 -16.31
N LYS B 252 -22.01 -5.79 -16.97
CA LYS B 252 -21.82 -5.49 -18.39
C LYS B 252 -22.94 -6.11 -19.22
N THR B 253 -23.20 -7.39 -18.97
CA THR B 253 -24.14 -8.16 -19.77
C THR B 253 -25.55 -7.61 -19.69
N VAL B 254 -25.78 -6.68 -18.78
CA VAL B 254 -27.10 -6.07 -18.67
C VAL B 254 -27.16 -4.83 -19.57
N GLU B 255 -26.02 -4.17 -19.74
CA GLU B 255 -25.97 -2.98 -20.58
C GLU B 255 -26.41 -3.32 -21.99
N ALA B 256 -25.99 -4.49 -22.45
CA ALA B 256 -26.38 -4.99 -23.76
C ALA B 256 -27.88 -5.28 -23.78
N LEU B 257 -28.46 -5.54 -22.62
CA LEU B 257 -29.89 -5.81 -22.54
C LEU B 257 -30.62 -4.47 -22.74
N ASN B 258 -30.44 -3.57 -21.78
CA ASN B 258 -31.06 -2.25 -21.83
C ASN B 258 -30.83 -1.61 -23.19
N GLY B 259 -29.68 -1.87 -23.79
CA GLY B 259 -29.42 -1.46 -25.16
C GLY B 259 -30.48 -2.11 -26.03
N TYR B 260 -30.58 -3.43 -25.91
CA TYR B 260 -31.51 -4.21 -26.73
C TYR B 260 -32.95 -3.82 -26.43
N LEU B 261 -33.18 -3.32 -25.22
CA LEU B 261 -34.51 -2.89 -24.81
C LEU B 261 -34.82 -1.50 -25.38
N ASP B 262 -33.81 -0.84 -25.95
CA ASP B 262 -34.01 0.47 -26.57
C ASP B 262 -34.43 0.27 -28.01
N LYS B 263 -33.88 -0.74 -28.68
CA LYS B 263 -34.25 -1.00 -30.06
C LYS B 263 -35.69 -1.50 -30.09
N HIS B 264 -35.97 -2.52 -29.28
CA HIS B 264 -37.31 -3.09 -29.19
C HIS B 264 -38.20 -2.35 -28.20
N LYS B 265 -37.91 -1.08 -27.95
CA LYS B 265 -38.75 -0.26 -27.09
C LYS B 265 -40.06 0.05 -27.83
N ASP B 266 -40.05 -0.19 -29.14
CA ASP B 266 -41.19 0.01 -30.00
C ASP B 266 -42.08 -1.23 -30.00
N GLU B 267 -41.51 -2.34 -29.55
CA GLU B 267 -42.17 -3.64 -29.58
C GLU B 267 -42.59 -4.02 -28.16
N VAL B 268 -41.67 -3.84 -27.22
CA VAL B 268 -41.87 -4.26 -25.84
C VAL B 268 -42.06 -3.01 -24.99
N ASP B 269 -42.69 -3.18 -23.82
CA ASP B 269 -43.00 -2.08 -22.91
CA ASP B 269 -43.01 -2.06 -22.95
C ASP B 269 -41.78 -1.26 -22.57
N LYS B 270 -42.02 -0.08 -21.98
CA LYS B 270 -40.95 0.78 -21.49
C LYS B 270 -41.33 1.16 -20.07
N ALA B 271 -41.94 0.21 -19.37
CA ALA B 271 -42.44 0.41 -18.01
C ALA B 271 -42.03 -0.77 -17.14
N SER B 272 -42.58 -1.95 -17.44
CA SER B 272 -42.22 -3.16 -16.72
C SER B 272 -40.90 -3.71 -17.22
N ALA B 273 -40.38 -3.13 -18.30
CA ALA B 273 -39.09 -3.54 -18.85
C ALA B 273 -37.98 -2.66 -18.29
N ASP B 274 -38.32 -1.41 -18.01
CA ASP B 274 -37.39 -0.47 -17.38
C ASP B 274 -36.92 -1.03 -16.04
N ASN B 275 -37.77 -1.87 -15.44
CA ASN B 275 -37.49 -2.42 -14.12
C ASN B 275 -36.67 -3.71 -14.16
N MET B 276 -36.57 -4.33 -15.33
CA MET B 276 -35.78 -5.55 -15.45
C MET B 276 -34.30 -5.27 -15.22
N VAL B 277 -33.84 -4.17 -15.80
CA VAL B 277 -32.46 -3.73 -15.65
C VAL B 277 -32.17 -3.33 -14.20
N THR B 278 -33.07 -2.55 -13.61
CA THR B 278 -32.96 -2.15 -12.22
C THR B 278 -32.90 -3.38 -11.33
N ASN B 279 -33.82 -4.30 -11.58
CA ASN B 279 -33.92 -5.55 -10.83
C ASN B 279 -32.60 -6.33 -10.87
N LEU B 280 -32.11 -6.52 -12.09
CA LEU B 280 -30.89 -7.29 -12.29
C LEU B 280 -29.73 -6.57 -11.61
N LEU B 281 -29.66 -5.26 -11.77
CA LEU B 281 -28.60 -4.48 -11.14
C LEU B 281 -28.67 -4.64 -9.61
N LYS B 282 -29.89 -4.67 -9.07
CA LYS B 282 -30.09 -4.98 -7.66
C LYS B 282 -29.52 -6.33 -7.33
N HIS B 283 -29.75 -7.31 -8.20
CA HIS B 283 -29.20 -8.65 -7.95
C HIS B 283 -27.68 -8.67 -8.02
N VAL B 284 -27.09 -7.91 -8.93
CA VAL B 284 -25.63 -7.78 -8.97
C VAL B 284 -25.11 -7.17 -7.67
N ALA B 285 -25.73 -6.06 -7.26
CA ALA B 285 -25.36 -5.41 -6.00
C ALA B 285 -25.43 -6.39 -4.84
N LYS B 286 -26.58 -7.03 -4.66
CA LYS B 286 -26.76 -7.99 -3.57
C LYS B 286 -25.73 -9.10 -3.68
N ALA B 287 -25.43 -9.53 -4.91
CA ALA B 287 -24.41 -10.55 -5.12
C ALA B 287 -23.04 -10.08 -4.65
N GLN B 288 -22.69 -8.84 -5.00
CA GLN B 288 -21.44 -8.25 -4.50
C GLN B 288 -21.44 -8.28 -2.98
N GLU B 289 -22.54 -7.84 -2.38
CA GLU B 289 -22.66 -7.83 -0.93
C GLU B 289 -22.57 -9.23 -0.33
N LEU B 290 -23.10 -10.23 -1.03
CA LEU B 290 -23.00 -11.61 -0.56
C LEU B 290 -21.56 -12.12 -0.65
N TYR B 291 -20.90 -11.81 -1.77
CA TYR B 291 -19.52 -12.22 -1.98
C TYR B 291 -18.58 -11.56 -0.98
N LYS B 292 -18.86 -10.29 -0.67
CA LYS B 292 -18.06 -9.53 0.29
C LYS B 292 -17.90 -10.26 1.64
N ASN B 293 -18.98 -10.87 2.12
CA ASN B 293 -18.98 -11.50 3.42
C ASN B 293 -18.81 -13.02 3.38
N SER B 294 -18.61 -13.57 2.18
CA SER B 294 -18.47 -15.01 2.02
C SER B 294 -17.30 -15.57 2.83
N SER B 295 -17.51 -16.74 3.42
CA SER B 295 -16.47 -17.44 4.16
C SER B 295 -15.28 -17.73 3.25
N ALA B 296 -15.57 -18.09 2.00
CA ALA B 296 -14.54 -18.39 1.01
C ALA B 296 -13.51 -17.27 0.88
N LEU B 297 -13.99 -16.04 0.85
CA LEU B 297 -13.10 -14.88 0.67
C LEU B 297 -12.23 -14.59 1.88
N ARG B 298 -12.83 -14.53 3.07
CA ARG B 298 -12.05 -14.24 4.26
C ARG B 298 -11.12 -15.41 4.59
N ALA B 299 -11.57 -16.62 4.25
CA ALA B 299 -10.71 -17.79 4.38
C ALA B 299 -9.55 -17.66 3.41
N GLN B 300 -9.86 -17.31 2.17
CA GLN B 300 -8.84 -17.03 1.17
C GLN B 300 -7.92 -15.93 1.69
N GLY B 301 -8.50 -14.96 2.39
CA GLY B 301 -7.75 -13.82 2.90
C GLY B 301 -7.00 -14.12 4.19
N ALA B 302 -7.46 -15.14 4.91
CA ALA B 302 -6.83 -15.52 6.17
C ALA B 302 -5.48 -16.20 5.94
N GLN B 303 -5.18 -16.53 4.69
CA GLN B 303 -3.88 -17.12 4.33
C GLN B 303 -2.74 -16.32 4.93
N ILE B 304 -1.78 -17.02 5.52
CA ILE B 304 -0.72 -16.38 6.27
C ILE B 304 0.52 -16.16 5.40
N ASP B 305 1.15 -15.00 5.58
CA ASP B 305 2.42 -14.70 4.93
C ASP B 305 3.52 -14.99 5.93
N THR B 306 4.21 -16.11 5.72
CA THR B 306 5.17 -16.66 6.67
C THR B 306 6.16 -15.62 7.21
N VAL B 307 7.00 -15.08 6.31
CA VAL B 307 8.10 -14.22 6.72
C VAL B 307 7.61 -12.92 7.34
N PHE B 308 6.54 -12.36 6.80
CA PHE B 308 6.00 -11.10 7.31
C PHE B 308 5.47 -11.29 8.74
N SER B 309 4.66 -12.32 8.94
CA SER B 309 4.14 -12.62 10.26
C SER B 309 5.28 -12.94 11.23
N SER B 310 6.27 -13.69 10.74
CA SER B 310 7.45 -13.98 11.54
C SER B 310 8.12 -12.70 12.04
N TYR B 311 8.45 -11.81 11.10
CA TYR B 311 9.10 -10.56 11.46
C TYR B 311 8.20 -9.68 12.32
N TYR B 312 6.90 -9.73 12.06
CA TYR B 312 5.93 -9.01 12.88
C TYR B 312 5.99 -9.50 14.33
N TRP B 313 5.98 -10.81 14.50
CA TRP B 313 6.05 -11.41 15.82
C TRP B 313 7.39 -11.10 16.50
N LEU B 314 8.48 -11.16 15.74
CA LEU B 314 9.77 -10.71 16.24
C LEU B 314 9.66 -9.29 16.77
N TYR B 315 9.14 -8.39 15.94
CA TYR B 315 8.92 -7.00 16.32
C TYR B 315 8.08 -6.89 17.59
N LYS B 316 6.98 -7.62 17.64
CA LYS B 316 6.07 -7.58 18.77
C LYS B 316 6.73 -8.10 20.05
N ALA B 317 7.61 -9.08 19.89
CA ALA B 317 8.33 -9.65 21.02
C ALA B 317 9.44 -8.71 21.49
N GLY B 318 9.66 -7.64 20.73
CA GLY B 318 10.69 -6.67 21.06
C GLY B 318 12.09 -7.16 20.74
N VAL B 319 12.19 -8.09 19.79
CA VAL B 319 13.48 -8.60 19.36
C VAL B 319 14.18 -7.58 18.48
N THR B 320 15.47 -7.40 18.72
CA THR B 320 16.31 -6.49 17.92
C THR B 320 17.26 -7.30 17.05
N PRO B 321 17.89 -6.64 16.06
CA PRO B 321 18.89 -7.30 15.20
C PRO B 321 20.09 -7.88 15.97
N GLU B 322 20.17 -7.61 17.26
CA GLU B 322 21.29 -8.07 18.09
C GLU B 322 20.91 -9.30 18.93
N THR B 323 19.65 -9.37 19.33
CA THR B 323 19.14 -10.52 20.10
C THR B 323 18.64 -11.66 19.21
N PHE B 324 18.56 -11.38 17.90
CA PHE B 324 18.01 -12.32 16.93
C PHE B 324 18.72 -13.69 16.88
N PRO B 325 20.07 -13.70 16.96
CA PRO B 325 20.78 -14.98 16.95
C PRO B 325 20.29 -15.99 17.99
N THR B 326 19.95 -15.51 19.19
CA THR B 326 19.41 -16.39 20.23
C THR B 326 18.07 -16.96 19.79
N VAL B 327 17.26 -16.14 19.13
CA VAL B 327 15.98 -16.59 18.59
C VAL B 327 16.21 -17.67 17.54
N SER B 328 17.13 -17.40 16.62
CA SER B 328 17.48 -18.39 15.60
C SER B 328 17.95 -19.68 16.26
N GLN B 329 18.77 -19.55 17.29
CA GLN B 329 19.29 -20.71 18.03
C GLN B 329 18.14 -21.48 18.68
N PHE B 330 17.21 -20.75 19.28
CA PHE B 330 16.03 -21.35 19.87
C PHE B 330 15.23 -22.15 18.84
N LEU B 331 14.83 -21.47 17.76
CA LEU B 331 14.05 -22.12 16.72
C LEU B 331 14.78 -23.33 16.15
N PHE B 332 16.09 -23.20 15.96
CA PHE B 332 16.92 -24.33 15.52
C PHE B 332 16.81 -25.49 16.49
N GLU B 333 17.16 -25.24 17.74
CA GLU B 333 17.09 -26.28 18.78
C GLU B 333 15.69 -26.86 18.89
N LEU B 334 14.68 -26.03 18.61
CA LEU B 334 13.30 -26.50 18.64
C LEU B 334 12.99 -27.43 17.46
N GLY B 335 13.44 -27.05 16.27
CA GLY B 335 13.20 -27.85 15.09
C GLY B 335 14.10 -29.09 14.99
N LYS B 336 15.26 -29.03 15.65
CA LYS B 336 16.23 -30.11 15.58
C LYS B 336 15.68 -31.46 16.03
N HIS B 337 14.86 -31.44 17.08
CA HIS B 337 14.38 -32.67 17.70
C HIS B 337 12.98 -32.45 18.30
N PRO B 338 12.04 -33.37 18.03
CA PRO B 338 10.66 -33.15 18.46
C PRO B 338 10.52 -32.98 19.96
N ARG B 339 9.99 -31.83 20.37
CA ARG B 339 9.78 -31.54 21.78
C ARG B 339 8.45 -30.82 21.93
N GLY B 340 7.61 -31.32 22.83
CA GLY B 340 6.22 -30.92 22.92
C GLY B 340 6.00 -29.44 23.18
N THR B 341 4.74 -29.04 23.14
CA THR B 341 4.35 -27.67 23.45
C THR B 341 4.79 -27.35 24.87
N LYS B 342 4.65 -28.35 25.74
CA LYS B 342 5.04 -28.22 27.14
C LYS B 342 6.47 -27.73 27.30
N LYS B 343 7.41 -28.50 26.76
CA LYS B 343 8.83 -28.15 26.83
C LYS B 343 9.09 -26.77 26.25
N MET B 344 8.41 -26.46 25.15
CA MET B 344 8.55 -25.17 24.48
C MET B 344 8.14 -24.04 25.40
N LYS B 345 6.96 -24.17 26.00
CA LYS B 345 6.44 -23.15 26.90
C LYS B 345 7.35 -23.00 28.11
N LYS B 346 7.79 -24.12 28.68
CA LYS B 346 8.77 -24.08 29.76
C LYS B 346 10.03 -23.29 29.38
N ALA B 347 10.68 -23.74 28.31
CA ALA B 347 11.94 -23.14 27.86
C ALA B 347 11.80 -21.69 27.44
N LEU B 348 10.64 -21.34 26.89
CA LEU B 348 10.38 -19.97 26.46
C LEU B 348 10.51 -18.96 27.59
N LEU B 349 9.95 -19.29 28.75
CA LEU B 349 9.93 -18.40 29.90
C LEU B 349 11.29 -18.26 30.60
N SER B 350 11.90 -19.41 30.89
CA SER B 350 13.07 -19.47 31.76
C SER B 350 14.34 -18.83 31.21
N THR B 351 14.40 -18.63 29.89
CA THR B 351 15.60 -18.10 29.26
C THR B 351 15.95 -16.73 29.85
N PRO B 352 17.25 -16.42 30.00
CA PRO B 352 17.60 -15.08 30.50
C PRO B 352 17.05 -13.96 29.64
N MET B 353 17.04 -14.16 28.33
CA MET B 353 16.50 -13.18 27.39
C MET B 353 15.05 -12.85 27.76
N LYS B 354 14.68 -11.58 27.63
CA LYS B 354 13.34 -11.16 28.01
C LYS B 354 12.32 -11.40 26.89
N TRP B 355 12.78 -11.47 25.63
CA TRP B 355 11.85 -11.66 24.52
C TRP B 355 11.15 -12.99 24.70
N GLY B 356 11.91 -14.02 25.04
CA GLY B 356 11.36 -15.35 25.29
C GLY B 356 10.12 -15.27 26.15
N LYS B 357 10.23 -14.45 27.20
CA LYS B 357 9.16 -14.21 28.15
C LYS B 357 7.96 -13.54 27.47
N LYS B 358 8.23 -12.50 26.69
CA LYS B 358 7.19 -11.72 26.00
C LYS B 358 6.47 -12.50 24.89
N LEU B 359 7.24 -13.06 23.97
CA LEU B 359 6.73 -13.86 22.86
C LEU B 359 5.72 -14.92 23.27
N TYR B 360 5.94 -15.55 24.43
CA TYR B 360 4.99 -16.54 24.93
C TYR B 360 3.61 -15.95 25.15
N GLU B 361 3.58 -14.73 25.68
CA GLU B 361 2.34 -14.04 26.02
C GLU B 361 1.43 -13.84 24.80
N LEU B 362 2.00 -13.95 23.61
CA LEU B 362 1.25 -13.71 22.37
C LEU B 362 0.36 -14.87 21.97
N PHE B 363 0.62 -16.06 22.52
CA PHE B 363 -0.13 -17.27 22.17
C PHE B 363 -1.64 -17.13 22.44
N ALA B 364 -2.43 -17.82 21.61
CA ALA B 364 -3.90 -17.76 21.69
C ALA B 364 -4.55 -19.06 21.23
N ASP B 365 -3.89 -20.19 21.47
CA ASP B 365 -4.31 -21.48 20.90
C ASP B 365 -5.77 -21.88 21.18
N ASP B 366 -6.09 -22.12 22.45
CA ASP B 366 -7.43 -22.57 22.83
C ASP B 366 -8.45 -21.45 22.76
N SER B 367 -7.97 -20.21 22.84
CA SER B 367 -8.82 -19.02 22.89
C SER B 367 -9.91 -18.99 21.82
N PHE B 368 -9.57 -19.44 20.62
CA PHE B 368 -10.50 -19.36 19.50
C PHE B 368 -11.66 -20.34 19.69
N GLN B 369 -12.83 -19.98 19.17
CA GLN B 369 -14.04 -20.77 19.34
C GLN B 369 -14.48 -21.40 18.03
N GLN B 370 -14.58 -20.57 16.98
CA GLN B 370 -14.99 -21.04 15.67
C GLN B 370 -13.86 -21.87 15.05
N ASN B 371 -14.00 -22.23 13.79
CA ASN B 371 -12.95 -22.97 13.10
C ASN B 371 -11.68 -22.12 13.04
N ARG B 372 -10.57 -22.70 13.49
CA ARG B 372 -9.30 -21.99 13.59
C ARG B 372 -8.83 -21.38 12.28
N ILE B 373 -9.35 -21.89 11.16
CA ILE B 373 -8.98 -21.39 9.84
C ILE B 373 -9.26 -19.89 9.67
N TYR B 374 -10.16 -19.37 10.51
CA TYR B 374 -10.61 -17.99 10.40
C TYR B 374 -9.72 -17.00 11.16
N MET B 375 -8.96 -17.50 12.12
CA MET B 375 -8.06 -16.66 12.92
C MET B 375 -7.14 -15.82 12.03
N HIS B 376 -7.06 -14.52 12.32
CA HIS B 376 -6.23 -13.58 11.58
C HIS B 376 -4.78 -14.08 11.46
N PRO B 377 -4.18 -13.97 10.26
CA PRO B 377 -2.86 -14.56 10.01
C PRO B 377 -1.69 -13.91 10.78
N ALA B 378 -1.95 -12.86 11.54
CA ALA B 378 -0.89 -12.18 12.28
C ALA B 378 -0.97 -12.54 13.76
N VAL B 379 -1.90 -13.44 14.10
CA VAL B 379 -2.07 -13.90 15.47
C VAL B 379 -1.19 -15.11 15.73
N LEU B 380 -0.25 -14.97 16.66
CA LEU B 380 0.64 -16.07 17.00
C LEU B 380 -0.05 -17.12 17.87
N THR B 381 0.29 -18.38 17.61
CA THR B 381 -0.12 -19.50 18.44
C THR B 381 1.03 -20.49 18.47
N ALA B 382 1.03 -21.39 19.45
CA ALA B 382 2.09 -22.38 19.56
C ALA B 382 2.31 -23.09 18.23
N GLY B 383 1.23 -23.65 17.69
CA GLY B 383 1.27 -24.35 16.43
C GLY B 383 1.85 -23.52 15.30
N ARG B 384 1.63 -22.22 15.35
CA ARG B 384 2.09 -21.33 14.29
C ARG B 384 3.55 -20.93 14.46
N ILE B 385 4.18 -21.31 15.58
CA ILE B 385 5.60 -21.01 15.77
C ILE B 385 6.41 -21.59 14.61
N SER B 386 5.97 -22.73 14.10
CA SER B 386 6.60 -23.40 12.97
C SER B 386 6.75 -22.47 11.78
N GLU B 387 5.94 -21.41 11.73
CA GLU B 387 6.06 -20.43 10.66
C GLU B 387 7.37 -19.66 10.79
N MET B 388 7.79 -19.40 12.02
CA MET B 388 9.06 -18.71 12.25
C MET B 388 10.22 -19.67 11.97
N GLY B 389 10.08 -20.88 12.48
CA GLY B 389 11.09 -21.91 12.37
C GLY B 389 11.71 -22.07 10.99
N VAL B 390 10.90 -21.94 9.94
CA VAL B 390 11.39 -22.13 8.59
C VAL B 390 12.21 -20.92 8.13
N CYS B 391 11.96 -19.77 8.74
CA CYS B 391 12.68 -18.55 8.36
C CYS B 391 14.03 -18.47 9.05
N PHE B 392 14.06 -18.81 10.33
CA PHE B 392 15.21 -18.56 11.19
C PHE B 392 15.82 -19.85 11.74
N GLY B 393 14.98 -20.86 11.94
CA GLY B 393 15.39 -22.08 12.62
C GLY B 393 16.24 -23.02 11.81
N THR B 394 15.98 -23.08 10.50
CA THR B 394 16.68 -24.01 9.62
C THR B 394 18.19 -23.82 9.72
N ILE B 395 18.63 -22.57 9.72
CA ILE B 395 20.04 -22.22 9.84
C ILE B 395 20.26 -21.37 11.09
N PRO B 396 21.00 -21.90 12.09
CA PRO B 396 21.27 -21.08 13.27
C PRO B 396 22.35 -20.05 12.97
N VAL B 397 21.95 -18.78 12.91
CA VAL B 397 22.85 -17.73 12.44
C VAL B 397 24.09 -17.59 13.32
N ALA B 398 23.95 -17.95 14.59
CA ALA B 398 25.07 -17.87 15.52
C ALA B 398 26.17 -18.88 15.19
N ASN B 399 25.78 -19.98 14.54
CA ASN B 399 26.73 -21.04 14.19
C ASN B 399 26.20 -21.86 13.01
N PRO B 400 26.20 -21.27 11.81
CA PRO B 400 25.55 -21.83 10.61
C PRO B 400 25.93 -23.26 10.25
N ASP B 401 27.15 -23.69 10.53
CA ASP B 401 27.58 -25.05 10.19
C ASP B 401 26.68 -26.09 10.85
N ASP B 402 26.16 -25.73 12.02
CA ASP B 402 25.27 -26.62 12.77
C ASP B 402 24.02 -26.94 11.96
N ALA B 403 23.74 -26.11 10.96
CA ALA B 403 22.61 -26.35 10.07
C ALA B 403 22.72 -27.74 9.45
N ALA B 404 23.95 -28.26 9.36
CA ALA B 404 24.15 -29.59 8.80
C ALA B 404 23.51 -30.65 9.68
N LEU B 405 23.40 -30.37 10.97
CA LEU B 405 22.74 -31.29 11.90
C LEU B 405 21.30 -31.56 11.47
N GLY B 406 20.66 -30.54 10.91
CA GLY B 406 19.28 -30.65 10.47
C GLY B 406 18.31 -30.09 11.50
N SER B 407 17.38 -29.26 11.03
CA SER B 407 16.33 -28.72 11.88
C SER B 407 15.04 -28.62 11.08
N GLY B 408 14.12 -29.54 11.36
CA GLY B 408 12.90 -29.65 10.58
C GLY B 408 11.80 -28.70 11.01
N HIS B 409 11.21 -28.03 10.02
CA HIS B 409 10.01 -27.24 10.22
C HIS B 409 9.08 -27.45 9.03
N THR B 410 7.79 -27.60 9.32
CA THR B 410 6.77 -28.03 8.36
C THR B 410 6.96 -27.51 6.93
N LYS B 411 6.93 -26.20 6.78
CA LYS B 411 6.85 -25.59 5.45
C LYS B 411 8.09 -25.87 4.59
N SER B 412 9.15 -26.36 5.23
CA SER B 412 10.35 -26.77 4.50
C SER B 412 10.01 -27.86 3.50
N ILE B 413 8.90 -28.57 3.71
CA ILE B 413 8.46 -29.60 2.78
C ILE B 413 8.22 -28.99 1.41
N LEU B 414 7.90 -27.71 1.36
CA LEU B 414 7.67 -27.04 0.09
C LEU B 414 8.94 -26.98 -0.75
N ASN B 415 10.10 -27.14 -0.09
CA ASN B 415 11.37 -27.09 -0.81
C ASN B 415 11.59 -28.32 -1.69
N LEU B 416 10.83 -29.38 -1.41
CA LEU B 416 10.96 -30.62 -2.17
C LEU B 416 10.47 -30.44 -3.60
N ARG B 417 10.98 -31.25 -4.52
CA ARG B 417 10.64 -31.11 -5.93
C ARG B 417 9.24 -31.66 -6.23
N THR B 418 8.60 -31.04 -7.21
CA THR B 418 7.21 -31.36 -7.56
C THR B 418 7.09 -31.89 -8.99
N ASN B 419 8.22 -32.36 -9.53
CA ASN B 419 8.31 -32.73 -10.94
C ASN B 419 8.53 -34.21 -11.17
N THR B 420 8.22 -34.66 -12.38
CA THR B 420 8.22 -36.09 -12.73
C THR B 420 9.62 -36.70 -12.73
N GLU B 421 10.63 -35.87 -12.92
CA GLU B 421 12.02 -36.33 -12.96
C GLU B 421 12.37 -37.13 -11.70
N THR B 422 11.89 -36.65 -10.55
CA THR B 422 12.15 -37.29 -9.27
C THR B 422 10.91 -38.02 -8.73
N ASN B 423 9.85 -38.05 -9.53
CA ASN B 423 8.58 -38.66 -9.15
C ASN B 423 7.96 -37.92 -7.96
N ASN B 424 8.09 -36.60 -7.97
CA ASN B 424 7.44 -35.71 -7.01
C ASN B 424 7.54 -36.17 -5.55
N PRO B 425 8.73 -36.04 -4.95
CA PRO B 425 8.92 -36.41 -3.53
C PRO B 425 8.08 -35.58 -2.57
N CYS B 426 7.84 -34.31 -2.93
CA CYS B 426 6.97 -33.44 -2.13
C CYS B 426 5.61 -34.09 -1.89
N ALA B 427 4.92 -34.37 -3.00
CA ALA B 427 3.61 -35.00 -2.96
C ALA B 427 3.64 -36.30 -2.15
N ARG B 428 4.63 -37.15 -2.44
CA ARG B 428 4.80 -38.39 -1.71
C ARG B 428 4.88 -38.16 -0.20
N THR B 429 5.75 -37.23 0.20
CA THR B 429 5.92 -36.89 1.60
C THR B 429 4.60 -36.42 2.22
N ILE B 430 3.99 -35.41 1.60
CA ILE B 430 2.72 -34.87 2.09
C ILE B 430 1.68 -36.00 2.27
N VAL B 431 1.52 -36.81 1.22
CA VAL B 431 0.62 -37.95 1.27
C VAL B 431 0.96 -38.86 2.44
N LYS B 432 2.24 -39.17 2.60
CA LYS B 432 2.68 -40.04 3.68
C LYS B 432 2.26 -39.46 5.03
N LEU B 433 2.54 -38.18 5.24
CA LEU B 433 2.16 -37.53 6.49
C LEU B 433 0.65 -37.63 6.69
N PHE B 434 -0.10 -37.30 5.64
CA PHE B 434 -1.55 -37.39 5.70
C PHE B 434 -2.01 -38.79 6.12
N GLU B 435 -1.44 -39.80 5.48
CA GLU B 435 -1.80 -41.18 5.78
C GLU B 435 -1.41 -41.54 7.21
N ILE B 436 -0.31 -40.98 7.69
CA ILE B 436 0.06 -41.14 9.09
C ILE B 436 -1.02 -40.54 10.00
N GLN B 437 -1.37 -39.27 9.78
CA GLN B 437 -2.41 -38.64 10.63
CA GLN B 437 -2.40 -38.63 10.60
C GLN B 437 -3.72 -39.40 10.49
N LYS B 438 -3.96 -39.96 9.31
CA LYS B 438 -5.17 -40.75 9.09
C LYS B 438 -5.13 -42.03 9.90
N THR B 439 -3.96 -42.66 9.93
CA THR B 439 -3.76 -43.87 10.73
C THR B 439 -3.89 -43.55 12.21
N GLY B 440 -3.40 -42.38 12.61
CA GLY B 440 -3.44 -42.00 14.02
C GLY B 440 -4.76 -41.46 14.51
N PHE B 441 -5.39 -40.58 13.73
CA PHE B 441 -6.59 -39.87 14.16
C PHE B 441 -7.70 -39.94 13.12
N ASN B 442 -8.87 -39.43 13.49
CA ASN B 442 -9.97 -39.24 12.56
C ASN B 442 -9.86 -37.85 11.94
N ILE B 443 -9.50 -37.80 10.67
CA ILE B 443 -9.27 -36.54 9.96
C ILE B 443 -10.50 -35.62 10.03
N GLN B 444 -11.66 -36.17 9.69
CA GLN B 444 -12.92 -35.41 9.68
C GLN B 444 -13.09 -34.50 10.90
N ASP B 445 -12.63 -34.97 12.06
CA ASP B 445 -12.87 -34.26 13.32
C ASP B 445 -11.84 -33.18 13.61
N MET B 446 -10.87 -33.00 12.73
CA MET B 446 -9.82 -32.00 12.93
C MET B 446 -10.12 -30.67 12.23
N ASP B 447 -9.80 -29.57 12.92
CA ASP B 447 -9.93 -28.24 12.35
C ASP B 447 -8.91 -28.01 11.24
N ILE B 448 -7.66 -28.37 11.50
CA ILE B 448 -6.58 -28.15 10.54
C ILE B 448 -5.78 -29.42 10.29
N VAL B 449 -5.70 -29.82 9.04
CA VAL B 449 -4.85 -30.93 8.62
C VAL B 449 -3.64 -30.36 7.89
N ALA B 450 -2.47 -30.45 8.54
CA ALA B 450 -1.24 -29.87 8.01
C ALA B 450 -0.99 -30.29 6.56
N SER B 451 -1.04 -31.60 6.31
CA SER B 451 -0.78 -32.15 4.99
C SER B 451 -1.69 -31.56 3.92
N GLU B 452 -2.98 -31.48 4.22
CA GLU B 452 -3.94 -30.89 3.29
C GLU B 452 -3.58 -29.45 2.95
N HIS B 453 -3.23 -28.66 3.98
CA HIS B 453 -2.86 -27.27 3.77
C HIS B 453 -1.60 -27.18 2.92
N LEU B 454 -0.60 -28.00 3.25
CA LEU B 454 0.63 -28.04 2.48
C LEU B 454 0.35 -28.39 1.02
N LEU B 455 -0.51 -29.38 0.80
CA LEU B 455 -0.91 -29.73 -0.57
C LEU B 455 -1.59 -28.54 -1.24
N HIS B 456 -2.49 -27.90 -0.51
CA HIS B 456 -3.21 -26.73 -1.03
C HIS B 456 -2.24 -25.62 -1.41
N GLN B 457 -1.20 -25.45 -0.61
CA GLN B 457 -0.14 -24.49 -0.94
C GLN B 457 0.70 -24.96 -2.12
N SER B 458 0.97 -26.26 -2.19
CA SER B 458 1.72 -26.82 -3.31
C SER B 458 0.93 -26.69 -4.62
N LEU B 459 -0.39 -26.77 -4.50
CA LEU B 459 -1.27 -26.74 -5.67
C LEU B 459 -1.38 -25.37 -6.33
N VAL B 460 -1.16 -24.29 -5.57
CA VAL B 460 -1.15 -22.95 -6.15
C VAL B 460 0.23 -22.64 -6.72
N GLY B 461 1.09 -23.65 -6.75
CA GLY B 461 2.38 -23.54 -7.39
C GLY B 461 3.46 -22.88 -6.54
N LYS B 462 3.37 -23.03 -5.23
CA LYS B 462 4.44 -22.62 -4.35
C LYS B 462 5.58 -23.64 -4.41
N GLN B 463 6.81 -23.14 -4.42
CA GLN B 463 8.00 -23.99 -4.43
C GLN B 463 9.02 -23.51 -3.41
N SER B 464 8.63 -22.51 -2.61
CA SER B 464 9.42 -22.07 -1.48
C SER B 464 8.48 -21.44 -0.44
N PRO B 465 8.78 -21.60 0.85
CA PRO B 465 7.88 -21.07 1.87
C PRO B 465 7.90 -19.54 1.95
N PHE B 466 8.77 -18.91 1.18
CA PHE B 466 8.96 -17.46 1.23
C PHE B 466 8.17 -16.73 0.16
N GLN B 467 7.45 -17.49 -0.66
CA GLN B 467 6.58 -16.89 -1.68
C GLN B 467 5.23 -16.45 -1.11
N ASN B 468 4.73 -15.33 -1.61
CA ASN B 468 3.39 -14.85 -1.27
C ASN B 468 2.40 -15.25 -2.36
N ALA B 469 1.52 -16.19 -2.03
CA ALA B 469 0.61 -16.77 -3.02
C ALA B 469 -0.80 -16.20 -2.89
N TYR B 470 -0.92 -15.00 -2.36
CA TYR B 470 -2.23 -14.38 -2.18
C TYR B 470 -2.78 -13.87 -3.51
N ASN B 471 -1.92 -13.21 -4.29
CA ASN B 471 -2.35 -12.63 -5.55
C ASN B 471 -2.51 -13.68 -6.64
N VAL B 472 -2.25 -14.94 -6.30
CA VAL B 472 -2.55 -16.05 -7.18
C VAL B 472 -4.06 -16.07 -7.40
N LYS B 473 -4.49 -16.50 -8.59
CA LYS B 473 -5.89 -16.44 -8.98
C LYS B 473 -6.42 -17.80 -9.38
N GLY B 474 -7.62 -18.13 -8.91
CA GLY B 474 -8.26 -19.39 -9.24
C GLY B 474 -8.50 -20.26 -8.01
N ASN B 475 -9.33 -21.28 -8.17
CA ASN B 475 -9.66 -22.20 -7.10
C ASN B 475 -8.76 -23.44 -7.17
N ALA B 476 -7.93 -23.62 -6.16
CA ALA B 476 -6.89 -24.64 -6.19
C ALA B 476 -7.43 -26.06 -6.07
N THR B 477 -8.59 -26.21 -5.45
CA THR B 477 -9.16 -27.54 -5.24
C THR B 477 -9.85 -28.04 -6.50
N SER B 478 -9.96 -27.17 -7.49
CA SER B 478 -10.55 -27.53 -8.78
C SER B 478 -9.50 -28.12 -9.73
N ALA B 479 -8.38 -28.58 -9.17
CA ALA B 479 -7.29 -29.10 -9.97
C ALA B 479 -7.49 -30.58 -10.29
N ASN B 480 -6.81 -31.04 -11.35
CA ASN B 480 -6.91 -32.41 -11.81
C ASN B 480 -5.63 -33.20 -11.58
N ILE B 481 -5.78 -34.43 -11.10
CA ILE B 481 -4.65 -35.31 -10.84
C ILE B 481 -4.46 -36.26 -12.03
N ILE B 482 -3.24 -36.30 -12.57
CA ILE B 482 -2.92 -37.17 -13.69
C ILE B 482 -1.61 -37.90 -13.45
N GLU C 1 -36.88 42.81 -31.46
CA GLU C 1 -36.14 41.56 -31.53
C GLU C 1 -34.73 41.79 -32.09
N ASN C 2 -34.59 41.72 -33.41
CA ASN C 2 -33.30 41.91 -34.07
C ASN C 2 -33.03 43.37 -34.43
N SER C 3 -33.99 43.99 -35.10
CA SER C 3 -33.88 45.39 -35.51
C SER C 3 -33.68 46.33 -34.31
N LEU C 4 -34.19 45.92 -33.15
CA LEU C 4 -34.06 46.70 -31.92
C LEU C 4 -32.69 46.53 -31.26
N GLU C 5 -31.81 45.76 -31.90
CA GLU C 5 -30.55 45.33 -31.29
C GLU C 5 -29.36 45.81 -32.10
N ILE C 6 -29.46 45.72 -33.42
CA ILE C 6 -28.34 46.02 -34.32
C ILE C 6 -27.75 47.39 -34.01
N GLU C 7 -28.62 48.39 -33.97
CA GLU C 7 -28.18 49.78 -33.82
C GLU C 7 -27.20 49.91 -32.66
N GLU C 8 -27.44 49.15 -31.60
CA GLU C 8 -26.52 49.09 -30.47
C GLU C 8 -25.15 48.60 -30.91
N LEU C 9 -25.13 47.54 -31.72
CA LEU C 9 -23.88 47.00 -32.24
C LEU C 9 -23.21 48.00 -33.16
N ALA C 10 -24.02 48.77 -33.89
CA ALA C 10 -23.48 49.77 -34.79
C ALA C 10 -22.79 50.87 -33.99
N ARG C 11 -23.52 51.43 -33.02
CA ARG C 11 -22.94 52.43 -32.12
C ARG C 11 -21.69 51.90 -31.45
N PHE C 12 -21.78 50.69 -30.89
CA PHE C 12 -20.61 50.01 -30.34
C PHE C 12 -19.46 49.97 -31.33
N ALA C 13 -19.76 49.58 -32.57
CA ALA C 13 -18.73 49.42 -33.60
C ALA C 13 -18.04 50.75 -33.86
N VAL C 14 -18.84 51.80 -34.05
CA VAL C 14 -18.29 53.14 -34.26
C VAL C 14 -17.46 53.55 -33.05
N ASP C 15 -18.07 53.50 -31.87
CA ASP C 15 -17.40 53.84 -30.61
C ASP C 15 -16.10 53.07 -30.46
N GLU C 16 -16.07 51.84 -30.94
CA GLU C 16 -14.88 51.01 -30.88
C GLU C 16 -13.85 51.55 -31.87
N HIS C 17 -14.30 51.88 -33.08
CA HIS C 17 -13.41 52.43 -34.11
C HIS C 17 -12.81 53.76 -33.68
N ASN C 18 -13.60 54.58 -32.99
CA ASN C 18 -13.13 55.85 -32.44
C ASN C 18 -11.89 55.67 -31.57
N LYS C 19 -11.87 54.58 -30.82
CA LYS C 19 -10.78 54.31 -29.87
C LYS C 19 -9.64 53.67 -30.65
N LYS C 20 -9.97 52.63 -31.40
CA LYS C 20 -8.99 51.86 -32.14
C LYS C 20 -8.11 52.74 -33.00
N GLU C 21 -8.69 53.75 -33.64
CA GLU C 21 -7.96 54.63 -34.53
C GLU C 21 -7.97 56.10 -34.12
N ASN C 22 -8.40 56.39 -32.89
CA ASN C 22 -8.38 57.76 -32.38
C ASN C 22 -9.03 58.74 -33.35
N ALA C 23 -10.36 58.76 -33.37
CA ALA C 23 -11.12 59.59 -34.29
C ALA C 23 -12.37 60.16 -33.63
N LEU C 24 -13.19 60.84 -34.42
CA LEU C 24 -14.41 61.47 -33.92
C LEU C 24 -15.59 61.14 -34.82
N LEU C 25 -15.73 59.87 -35.19
CA LEU C 25 -16.88 59.46 -35.97
C LEU C 25 -18.12 59.52 -35.09
N GLU C 26 -19.20 60.07 -35.62
CA GLU C 26 -20.46 60.12 -34.89
C GLU C 26 -21.44 59.21 -35.61
N PHE C 27 -22.05 58.26 -34.91
CA PHE C 27 -22.96 57.32 -35.56
C PHE C 27 -24.20 58.04 -36.07
N VAL C 28 -24.59 57.75 -37.31
CA VAL C 28 -25.79 58.34 -37.89
C VAL C 28 -26.97 57.37 -37.80
N ARG C 29 -26.94 56.36 -38.64
CA ARG C 29 -28.01 55.36 -38.70
C ARG C 29 -27.52 54.14 -39.46
N VAL C 30 -28.24 53.03 -39.33
CA VAL C 30 -27.85 51.78 -39.97
C VAL C 30 -28.68 51.61 -41.24
N VAL C 31 -28.10 50.96 -42.24
CA VAL C 31 -28.80 50.74 -43.51
C VAL C 31 -28.88 49.24 -43.84
N LYS C 32 -27.76 48.51 -43.74
CA LYS C 32 -27.80 47.06 -43.98
C LYS C 32 -27.22 46.27 -42.81
N ALA C 33 -27.67 45.03 -42.70
CA ALA C 33 -27.17 44.11 -41.70
C ALA C 33 -27.35 42.66 -42.17
N LYS C 34 -26.37 41.82 -41.84
CA LYS C 34 -26.43 40.40 -42.19
C LYS C 34 -25.93 39.56 -41.01
N GLU C 35 -26.86 38.99 -40.26
CA GLU C 35 -26.53 38.12 -39.14
C GLU C 35 -26.27 36.70 -39.61
N GLN C 36 -25.40 35.99 -38.89
CA GLN C 36 -25.26 34.54 -39.07
C GLN C 36 -24.97 33.88 -37.72
N MET C 37 -25.96 33.17 -37.20
CA MET C 37 -25.87 32.58 -35.87
C MET C 37 -25.68 31.07 -35.92
N HIS C 38 -24.93 30.57 -34.94
CA HIS C 38 -24.74 29.13 -34.75
C HIS C 38 -25.07 28.81 -33.30
N MET C 39 -26.18 28.11 -33.08
CA MET C 39 -26.56 27.70 -31.74
C MET C 39 -26.22 26.22 -31.56
N LYS C 40 -25.76 25.88 -30.35
CA LYS C 40 -25.45 24.50 -30.04
C LYS C 40 -25.72 24.31 -28.54
N GLU C 41 -26.98 24.01 -28.23
CA GLU C 41 -27.45 23.88 -26.86
C GLU C 41 -27.10 25.12 -26.03
N ARG C 42 -26.03 25.04 -25.25
CA ARG C 42 -25.63 26.16 -24.39
C ARG C 42 -24.84 27.21 -25.14
N GLN C 43 -24.17 26.79 -26.21
CA GLN C 43 -23.17 27.64 -26.87
C GLN C 43 -23.74 28.34 -28.09
N ILE C 44 -23.64 29.66 -28.11
CA ILE C 44 -24.17 30.45 -29.23
C ILE C 44 -23.06 31.31 -29.83
N ASN C 45 -22.98 31.29 -31.16
CA ASN C 45 -21.97 32.06 -31.88
C ASN C 45 -22.59 32.83 -33.03
N THR C 46 -22.70 34.15 -32.87
CA THR C 46 -23.32 34.99 -33.89
C THR C 46 -22.32 35.94 -34.53
N MET C 47 -22.24 35.90 -35.85
CA MET C 47 -21.39 36.81 -36.60
C MET C 47 -22.27 37.80 -37.37
N TYR C 48 -22.00 39.09 -37.18
CA TYR C 48 -22.76 40.17 -37.81
C TYR C 48 -21.92 40.92 -38.85
N TYR C 49 -22.47 41.05 -40.05
CA TYR C 49 -21.92 41.93 -41.08
C TYR C 49 -22.79 43.18 -41.19
N LEU C 50 -22.24 44.33 -40.80
CA LEU C 50 -23.02 45.59 -40.77
C LEU C 50 -22.61 46.58 -41.86
N THR C 51 -23.60 47.31 -42.37
CA THR C 51 -23.35 48.46 -43.23
C THR C 51 -24.09 49.67 -42.64
N LEU C 52 -23.32 50.65 -42.16
CA LEU C 52 -23.87 51.77 -41.40
C LEU C 52 -23.44 53.14 -41.91
N GLU C 53 -24.17 54.18 -41.48
CA GLU C 53 -23.82 55.57 -41.76
C GLU C 53 -23.17 56.24 -40.55
N ALA C 54 -22.11 57.01 -40.81
CA ALA C 54 -21.42 57.75 -39.75
C ALA C 54 -20.94 59.12 -40.23
N LYS C 55 -21.05 60.10 -39.34
CA LYS C 55 -20.53 61.45 -39.58
C LYS C 55 -19.05 61.55 -39.24
N ASP C 56 -18.32 62.28 -40.09
CA ASP C 56 -16.91 62.61 -39.84
C ASP C 56 -16.69 64.11 -40.02
N GLY C 57 -17.05 64.87 -39.00
CA GLY C 57 -16.94 66.33 -39.04
C GLY C 57 -18.24 66.99 -39.48
N GLY C 58 -18.95 66.35 -40.39
CA GLY C 58 -20.19 66.89 -40.90
C GLY C 58 -20.79 66.03 -41.99
N LYS C 59 -19.95 65.63 -42.95
CA LYS C 59 -20.40 64.80 -44.06
C LYS C 59 -20.71 63.38 -43.61
N LYS C 60 -21.78 62.82 -44.18
CA LYS C 60 -22.27 61.51 -43.81
C LYS C 60 -21.65 60.45 -44.71
N LYS C 61 -21.03 59.45 -44.09
CA LYS C 61 -20.25 58.45 -44.81
C LYS C 61 -20.76 57.04 -44.53
N LEU C 62 -20.51 56.13 -45.47
CA LEU C 62 -20.93 54.74 -45.33
C LEU C 62 -19.78 53.92 -44.75
N TYR C 63 -20.11 52.89 -43.98
CA TYR C 63 -19.08 52.02 -43.40
C TYR C 63 -19.51 50.57 -43.33
N GLU C 64 -18.65 49.71 -43.89
CA GLU C 64 -18.82 48.27 -43.82
C GLU C 64 -18.13 47.72 -42.58
N ALA C 65 -18.93 47.45 -41.54
CA ALA C 65 -18.41 46.90 -40.29
C ALA C 65 -18.64 45.39 -40.21
N LYS C 66 -17.94 44.76 -39.26
CA LYS C 66 -18.06 43.32 -39.02
C LYS C 66 -17.76 43.01 -37.56
N VAL C 67 -18.75 42.40 -36.90
CA VAL C 67 -18.71 42.16 -35.46
C VAL C 67 -18.95 40.68 -35.10
N TRP C 68 -18.15 40.16 -34.18
CA TRP C 68 -18.35 38.81 -33.64
C TRP C 68 -18.99 38.87 -32.25
N VAL C 69 -19.97 37.99 -32.01
CA VAL C 69 -20.59 37.88 -30.69
C VAL C 69 -20.66 36.43 -30.23
N LYS C 70 -20.03 36.16 -29.09
CA LYS C 70 -20.01 34.83 -28.49
C LYS C 70 -20.83 34.80 -27.21
N LYS C 71 -21.83 33.92 -27.15
CA LYS C 71 -22.68 33.78 -25.98
C LYS C 71 -22.67 32.36 -25.42
N TYR C 72 -22.92 32.26 -24.11
CA TYR C 72 -23.00 30.97 -23.43
C TYR C 72 -24.05 31.01 -22.33
N LEU C 73 -25.25 30.52 -22.64
CA LEU C 73 -26.35 30.52 -21.69
C LEU C 73 -26.10 29.51 -20.56
N GLY C 74 -25.54 30.00 -19.46
CA GLY C 74 -25.18 29.15 -18.33
C GLY C 74 -26.28 29.04 -17.29
N ASP C 75 -26.09 28.12 -16.36
CA ASP C 75 -27.04 27.91 -15.26
C ASP C 75 -26.81 28.89 -14.12
N PHE C 76 -25.61 29.45 -14.06
CA PHE C 76 -25.21 30.32 -12.96
C PHE C 76 -24.76 31.69 -13.46
N TRP C 77 -24.18 31.70 -14.65
CA TRP C 77 -23.75 32.96 -15.28
C TRP C 77 -23.91 32.90 -16.79
N LYS C 78 -24.77 33.77 -17.32
CA LYS C 78 -24.91 33.94 -18.75
C LYS C 78 -23.78 34.84 -19.24
N ASP C 79 -22.96 34.33 -20.15
CA ASP C 79 -21.79 35.05 -20.62
C ASP C 79 -22.05 35.70 -21.97
N ASN C 80 -21.66 36.97 -22.09
CA ASN C 80 -21.79 37.71 -23.33
C ASN C 80 -20.46 38.38 -23.68
N PHE C 81 -20.11 38.33 -24.95
CA PHE C 81 -18.83 38.87 -25.41
C PHE C 81 -18.96 39.41 -26.83
N LYS C 82 -18.55 40.66 -27.03
CA LYS C 82 -18.61 41.29 -28.35
C LYS C 82 -17.20 41.63 -28.78
N GLU C 83 -16.95 41.60 -30.09
CA GLU C 83 -15.64 41.89 -30.61
C GLU C 83 -15.71 42.40 -32.05
N LEU C 84 -15.64 43.72 -32.20
CA LEU C 84 -15.47 44.31 -33.53
C LEU C 84 -14.27 43.68 -34.21
N GLN C 85 -14.55 42.80 -35.17
CA GLN C 85 -13.48 42.09 -35.86
C GLN C 85 -13.00 42.86 -37.09
N GLU C 86 -13.84 43.70 -37.66
CA GLU C 86 -13.39 44.50 -38.80
C GLU C 86 -14.29 45.72 -39.06
N PHE C 87 -13.64 46.80 -39.50
CA PHE C 87 -14.32 48.08 -39.72
C PHE C 87 -13.67 48.85 -40.86
N LYS C 88 -14.35 48.91 -42.00
CA LYS C 88 -13.81 49.62 -43.17
C LYS C 88 -14.87 50.47 -43.87
N PRO C 89 -14.44 51.59 -44.49
CA PRO C 89 -15.40 52.41 -45.24
C PRO C 89 -15.89 51.73 -46.51
N VAL C 90 -17.09 52.09 -46.95
CA VAL C 90 -17.63 51.59 -48.21
C VAL C 90 -17.08 52.41 -49.38
N GLU D 1 35.01 -37.39 38.02
CA GLU D 1 34.41 -38.61 38.56
C GLU D 1 33.85 -39.47 37.44
N ASN D 2 34.72 -40.27 36.82
CA ASN D 2 34.32 -41.14 35.72
C ASN D 2 33.88 -42.52 36.21
N SER D 3 34.70 -43.12 37.06
CA SER D 3 34.38 -44.43 37.62
C SER D 3 33.04 -44.38 38.34
N LEU D 4 32.70 -43.20 38.85
CA LEU D 4 31.41 -42.99 39.50
C LEU D 4 30.30 -42.78 38.48
N GLU D 5 30.67 -42.73 37.19
CA GLU D 5 29.76 -42.29 36.14
C GLU D 5 29.59 -43.22 34.93
N ILE D 6 30.71 -43.71 34.40
CA ILE D 6 30.75 -44.42 33.11
C ILE D 6 29.81 -45.62 32.95
N GLU D 7 29.90 -46.57 33.88
CA GLU D 7 29.28 -47.89 33.75
C GLU D 7 27.82 -47.87 33.29
N GLU D 8 27.11 -46.80 33.60
CA GLU D 8 25.71 -46.65 33.18
C GLU D 8 25.57 -46.89 31.67
N LEU D 9 26.56 -46.44 30.91
CA LEU D 9 26.56 -46.66 29.46
C LEU D 9 26.59 -48.14 29.09
N ALA D 10 27.22 -48.96 29.92
CA ALA D 10 27.29 -50.39 29.66
C ALA D 10 25.91 -51.04 29.76
N ARG D 11 25.21 -50.73 30.84
CA ARG D 11 23.87 -51.25 31.10
C ARG D 11 23.00 -51.03 29.86
N PHE D 12 23.05 -49.80 29.35
CA PHE D 12 22.41 -49.45 28.08
C PHE D 12 22.78 -50.43 26.96
N ALA D 13 24.06 -50.76 26.86
CA ALA D 13 24.56 -51.53 25.73
C ALA D 13 23.88 -52.89 25.61
N VAL D 14 23.82 -53.63 26.71
CA VAL D 14 23.15 -54.92 26.73
C VAL D 14 21.68 -54.76 26.39
N ASP D 15 21.00 -53.90 27.14
CA ASP D 15 19.56 -53.70 27.01
C ASP D 15 19.11 -53.51 25.56
N GLU D 16 19.93 -52.87 24.76
CA GLU D 16 19.63 -52.72 23.34
C GLU D 16 19.84 -54.04 22.63
N HIS D 17 20.94 -54.71 22.97
CA HIS D 17 21.31 -55.96 22.30
C HIS D 17 20.22 -56.98 22.54
N ASN D 18 19.63 -56.93 23.72
CA ASN D 18 18.49 -57.76 24.05
C ASN D 18 17.36 -57.59 23.04
N LYS D 19 17.12 -56.36 22.63
CA LYS D 19 15.93 -56.06 21.84
C LYS D 19 16.13 -56.14 20.32
N LYS D 20 17.05 -55.33 19.80
CA LYS D 20 17.28 -55.24 18.36
C LYS D 20 17.69 -56.60 17.76
N GLU D 21 18.43 -57.40 18.53
CA GLU D 21 18.96 -58.67 18.05
C GLU D 21 18.31 -59.85 18.77
N ASN D 22 17.18 -59.58 19.40
CA ASN D 22 16.35 -60.59 20.06
C ASN D 22 17.05 -61.53 21.03
N ALA D 23 17.40 -61.00 22.21
CA ALA D 23 17.97 -61.82 23.28
C ALA D 23 17.60 -61.23 24.64
N LEU D 24 18.04 -61.87 25.72
CA LEU D 24 17.80 -61.37 27.07
C LEU D 24 19.02 -61.60 27.96
N LEU D 25 20.19 -61.17 27.48
CA LEU D 25 21.44 -61.27 28.23
C LEU D 25 21.39 -60.36 29.46
N GLU D 26 21.93 -60.85 30.58
CA GLU D 26 21.94 -60.10 31.83
C GLU D 26 23.32 -59.53 32.17
N PHE D 27 23.34 -58.23 32.45
CA PHE D 27 24.56 -57.51 32.78
C PHE D 27 25.18 -57.92 34.13
N VAL D 28 26.48 -58.18 34.13
CA VAL D 28 27.20 -58.46 35.38
C VAL D 28 27.95 -57.20 35.81
N ARG D 29 29.10 -56.96 35.18
CA ARG D 29 29.89 -55.76 35.47
C ARG D 29 30.97 -55.56 34.40
N VAL D 30 31.50 -54.34 34.33
CA VAL D 30 32.49 -53.97 33.32
C VAL D 30 33.91 -53.88 33.91
N VAL D 31 34.91 -54.16 33.07
CA VAL D 31 36.31 -54.09 33.46
C VAL D 31 37.11 -53.14 32.58
N LYS D 32 36.91 -53.21 31.26
CA LYS D 32 37.62 -52.34 30.33
C LYS D 32 36.69 -51.43 29.55
N ALA D 33 37.19 -50.25 29.23
CA ALA D 33 36.46 -49.26 28.46
C ALA D 33 37.44 -48.30 27.79
N LYS D 34 37.12 -47.87 26.57
CA LYS D 34 37.96 -46.91 25.84
C LYS D 34 37.12 -45.86 25.12
N GLU D 35 37.10 -44.67 25.70
CA GLU D 35 36.41 -43.53 25.12
C GLU D 35 37.25 -42.85 24.04
N GLN D 36 36.59 -42.28 23.04
CA GLN D 36 37.24 -41.38 22.11
C GLN D 36 36.26 -40.30 21.68
N MET D 37 36.43 -39.10 22.22
CA MET D 37 35.49 -38.00 21.98
C MET D 37 36.08 -36.89 21.11
N HIS D 38 35.20 -36.27 20.32
CA HIS D 38 35.54 -35.12 19.49
C HIS D 38 34.56 -33.99 19.76
N MET D 39 35.06 -32.91 20.37
CA MET D 39 34.25 -31.74 20.69
C MET D 39 34.47 -30.61 19.69
N LYS D 40 33.40 -29.85 19.43
CA LYS D 40 33.45 -28.69 18.54
C LYS D 40 32.44 -27.68 19.07
N GLU D 41 32.88 -26.90 20.06
CA GLU D 41 32.03 -25.93 20.75
C GLU D 41 30.73 -26.59 21.23
N ARG D 42 29.66 -26.45 20.46
CA ARG D 42 28.36 -27.00 20.85
C ARG D 42 28.25 -28.48 20.55
N GLN D 43 29.00 -28.94 19.54
CA GLN D 43 28.82 -30.28 18.99
C GLN D 43 29.84 -31.28 19.54
N ILE D 44 29.34 -32.37 20.14
CA ILE D 44 30.21 -33.38 20.72
C ILE D 44 29.92 -34.78 20.18
N ASN D 45 30.97 -35.51 19.83
CA ASN D 45 30.82 -36.88 19.33
C ASN D 45 31.79 -37.85 20.02
N THR D 46 31.24 -38.70 20.88
CA THR D 46 32.02 -39.65 21.66
C THR D 46 31.76 -41.09 21.27
N MET D 47 32.82 -41.82 20.94
CA MET D 47 32.71 -43.24 20.64
C MET D 47 33.35 -44.06 21.76
N TYR D 48 32.58 -45.01 22.28
CA TYR D 48 33.00 -45.86 23.39
C TYR D 48 33.21 -47.31 22.95
N TYR D 49 34.38 -47.86 23.25
CA TYR D 49 34.64 -49.29 23.13
C TYR D 49 34.64 -49.91 24.52
N LEU D 50 33.62 -50.70 24.83
CA LEU D 50 33.49 -51.33 26.15
C LEU D 50 33.70 -52.84 26.07
N THR D 51 34.32 -53.39 27.11
CA THR D 51 34.41 -54.84 27.27
C THR D 51 33.80 -55.22 28.60
N LEU D 52 32.68 -55.93 28.56
CA LEU D 52 31.87 -56.17 29.76
C LEU D 52 31.57 -57.64 30.00
N GLU D 53 31.21 -57.96 31.23
CA GLU D 53 30.77 -59.30 31.60
C GLU D 53 29.26 -59.38 31.72
N ALA D 54 28.68 -60.46 31.19
CA ALA D 54 27.24 -60.66 31.25
C ALA D 54 26.90 -62.12 31.49
N LYS D 55 25.85 -62.34 32.27
CA LYS D 55 25.29 -63.67 32.48
C LYS D 55 24.32 -64.01 31.35
N ASP D 56 24.36 -65.26 30.92
CA ASP D 56 23.41 -65.79 29.95
C ASP D 56 22.82 -67.08 30.49
N GLY D 57 21.85 -66.93 31.38
CA GLY D 57 21.23 -68.07 32.04
C GLY D 57 21.87 -68.38 33.38
N GLY D 58 23.17 -68.16 33.48
CA GLY D 58 23.89 -68.43 34.70
C GLY D 58 25.39 -68.17 34.59
N LYS D 59 25.99 -68.68 33.53
CA LYS D 59 27.44 -68.53 33.31
C LYS D 59 27.78 -67.11 32.88
N LYS D 60 28.86 -66.57 33.46
CA LYS D 60 29.28 -65.19 33.18
C LYS D 60 30.36 -65.15 32.10
N LYS D 61 30.07 -64.46 31.00
CA LYS D 61 30.99 -64.38 29.87
C LYS D 61 31.21 -62.94 29.39
N LEU D 62 32.32 -62.74 28.67
CA LEU D 62 32.74 -61.41 28.24
C LEU D 62 32.16 -61.00 26.89
N TYR D 63 31.98 -59.69 26.73
CA TYR D 63 31.39 -59.14 25.51
C TYR D 63 32.02 -57.81 25.11
N GLU D 64 32.45 -57.75 23.85
CA GLU D 64 32.96 -56.54 23.21
C GLU D 64 31.84 -55.70 22.63
N ALA D 65 31.49 -54.63 23.33
CA ALA D 65 30.44 -53.71 22.89
C ALA D 65 31.03 -52.47 22.22
N LYS D 66 30.17 -51.70 21.54
CA LYS D 66 30.57 -50.45 20.92
C LYS D 66 29.40 -49.46 20.89
N VAL D 67 29.60 -48.29 21.48
CA VAL D 67 28.52 -47.31 21.59
C VAL D 67 28.92 -45.95 21.02
N TRP D 68 28.01 -45.35 20.26
CA TRP D 68 28.19 -43.99 19.76
C TRP D 68 27.33 -43.05 20.60
N VAL D 69 27.90 -41.92 20.98
CA VAL D 69 27.17 -40.90 21.73
C VAL D 69 27.35 -39.53 21.07
N LYS D 70 26.23 -38.95 20.64
CA LYS D 70 26.23 -37.64 20.01
C LYS D 70 25.53 -36.63 20.93
N LYS D 71 26.25 -35.57 21.28
CA LYS D 71 25.72 -34.52 22.14
C LYS D 71 25.74 -33.15 21.47
N TYR D 72 24.84 -32.29 21.92
CA TYR D 72 24.75 -30.93 21.42
C TYR D 72 24.34 -29.99 22.56
N LEU D 73 25.33 -29.34 23.17
CA LEU D 73 25.09 -28.44 24.28
C LEU D 73 24.39 -27.17 23.82
N GLY D 74 23.06 -27.16 23.92
CA GLY D 74 22.25 -26.04 23.48
C GLY D 74 21.98 -25.06 24.59
N ASP D 75 21.42 -23.89 24.22
CA ASP D 75 21.08 -22.86 25.20
C ASP D 75 19.72 -23.11 25.85
N PHE D 76 18.89 -23.91 25.19
CA PHE D 76 17.52 -24.13 25.64
C PHE D 76 17.25 -25.62 25.86
N TRP D 77 17.94 -26.46 25.09
CA TRP D 77 17.86 -27.91 25.26
C TRP D 77 19.20 -28.59 24.97
N LYS D 78 19.77 -29.22 25.98
CA LYS D 78 20.96 -30.04 25.80
C LYS D 78 20.55 -31.41 25.29
N ASP D 79 21.06 -31.79 24.13
CA ASP D 79 20.64 -33.02 23.46
C ASP D 79 21.65 -34.14 23.63
N ASN D 80 21.15 -35.34 23.92
CA ASN D 80 21.96 -36.54 24.07
C ASN D 80 21.38 -37.67 23.22
N PHE D 81 22.26 -38.46 22.61
CA PHE D 81 21.85 -39.55 21.72
C PHE D 81 22.80 -40.74 21.82
N LYS D 82 22.23 -41.92 22.06
CA LYS D 82 23.00 -43.15 22.17
C LYS D 82 22.57 -44.20 21.13
N GLU D 83 23.54 -45.00 20.68
CA GLU D 83 23.29 -46.00 19.64
C GLU D 83 24.30 -47.14 19.69
N LEU D 84 23.89 -48.28 20.26
CA LEU D 84 24.67 -49.51 20.19
C LEU D 84 25.04 -49.86 18.75
N GLN D 85 26.30 -49.64 18.38
CA GLN D 85 26.75 -49.90 17.01
C GLN D 85 27.28 -51.33 16.83
N GLU D 86 27.72 -51.95 17.92
CA GLU D 86 28.19 -53.33 17.85
C GLU D 86 28.25 -54.00 19.22
N PHE D 87 27.95 -55.30 19.22
CA PHE D 87 27.90 -56.11 20.42
C PHE D 87 28.30 -57.53 20.04
N LYS D 88 29.51 -57.95 20.44
CA LYS D 88 30.01 -59.28 20.10
C LYS D 88 30.67 -59.96 21.30
N PRO D 89 30.63 -61.31 21.35
CA PRO D 89 31.28 -62.02 22.46
C PRO D 89 32.80 -61.97 22.44
N VAL D 90 33.41 -62.05 23.62
CA VAL D 90 34.86 -62.17 23.75
C VAL D 90 35.20 -63.04 24.96
#